data_6J71
#
_entry.id   6J71
#
_cell.length_a   146.987
_cell.length_b   78.073
_cell.length_c   125.769
_cell.angle_alpha   90.000
_cell.angle_beta   107.470
_cell.angle_gamma   90.000
#
_symmetry.space_group_name_H-M   'C 1 2 1'
#
loop_
_entity.id
_entity.type
_entity.pdbx_description
1 polymer 'Receptor tyrosine-protein kinase erbB-2'
2 polymer 'anti-HER2 humanized antibody HuA21'
3 branched beta-D-mannopyranose-(1-4)-2-acetamido-2-deoxy-beta-D-glucopyranose
4 non-polymer beta-D-mannopyranose
#
loop_
_entity_poly.entity_id
_entity_poly.type
_entity_poly.pdbx_seq_one_letter_code
_entity_poly.pdbx_strand_id
1 'polypeptide(L)'
;STQVCTGTDMKLRLPASPETHLDMLRHLYQGCQVVQGNLELTYLPTNASLSFLQDIQEVQGYVLIAHNQVRQVPLQRLRI
VRGTQLFEDNYALAVLDNGDPLNNTTPVTGASPGGLRELQLRSLTEILKGGVLIQRNPQLCYQDTILWKDIFHKNNQLAL
TLIDTNRSRACHPCSPMCKGSRCWGESSEDCQSLTRTVCAGGCARCKGPLPTDCCHEQCAAGCTGPKHSDCLACLHFNHS
GICELHCPALVTYNTDTFESMPNPEGRYTFGASCVTACPYNYLSTDVGSCTLVCPLHNQEVTAEDGTQRCEKCSKPCARV
CYGLGMEHLREVRAVTSANIQEFAGCKKIFGSLAFLPESFDGDPASNTAPLQPEQLQVFETLEEITGYLYISAWPDSLPD
LSVFQNLQVIRGRILHNGAYSLTLQGLGISWLGLRSLRELGSGLALIHHNTHLCFVHTVPWDQLFRNPHQALLHTANRPE
DECVGEGLACHQLCARGHCWGPGPTQCVNCSQFLRGQECVEECRVLQGLPREYVNARHCLPCHPECQPQNGSVTCFGPEA
DQCVACAHYKDPPFCVARCPSGVKPDLSYMPIWKFPDEEGACQPCPINCTHSCVDLDD
;
A
2 'polypeptide(L)'
;ADIVLTQSPDSLAVSLGERVTINCKSSQPLEYSNNQWNYLAWYQQKPGQSPKLLISWASTRKSGVPDRFSGSGSGTDFTL
TISSVQAEDVAVYYCGQYSDYPNTFGAGTKLEIKRGGGGSGGGGSGGGGSGGGGSQVQLVQSGAEVVKPGASVKISCKAS
GYPFTQYFIHWVKQNPGQRLEWIGQISSSYATVDYNQKFKGKATLTVDTSASIAYMELSSLRSEDTAVYYCVRSGNYEEY
AMDYWGQGTLVTVS
;
B
#
# COMPACT_ATOMS: atom_id res chain seq x y z
N SER A 1 15.84 -10.00 -3.26
CA SER A 1 15.80 -9.12 -4.46
C SER A 1 14.97 -7.84 -4.25
N THR A 2 15.52 -6.69 -4.65
CA THR A 2 14.69 -5.52 -4.92
C THR A 2 13.91 -5.83 -6.19
N GLN A 3 12.87 -5.03 -6.44
CA GLN A 3 11.89 -5.23 -7.52
C GLN A 3 10.84 -6.26 -7.12
N VAL A 4 11.03 -6.92 -6.00
CA VAL A 4 9.94 -7.60 -5.35
C VAL A 4 9.86 -7.04 -3.96
N CYS A 5 8.62 -6.79 -3.53
CA CYS A 5 8.36 -6.26 -2.21
C CYS A 5 7.13 -6.95 -1.67
N THR A 6 7.02 -6.96 -0.36
CA THR A 6 5.91 -7.65 0.25
C THR A 6 4.66 -6.82 0.00
N GLY A 7 3.50 -7.41 0.24
CA GLY A 7 2.30 -6.61 0.36
C GLY A 7 2.25 -5.64 1.56
N THR A 8 1.03 -5.36 1.96
CA THR A 8 0.69 -4.73 3.22
C THR A 8 -0.73 -5.21 3.49
N ASP A 9 -1.18 -5.13 4.72
CA ASP A 9 -2.47 -5.67 5.07
C ASP A 9 -2.97 -4.98 6.33
N MET A 10 -3.19 -3.68 6.21
CA MET A 10 -3.74 -2.85 7.28
C MET A 10 -5.12 -2.31 6.99
N LYS A 11 -5.59 -2.44 5.76
CA LYS A 11 -6.88 -1.88 5.34
C LYS A 11 -6.98 -0.40 5.78
N LEU A 12 -8.05 -0.02 6.48
CA LEU A 12 -8.24 1.39 6.87
C LEU A 12 -7.75 1.72 8.27
N ARG A 13 -7.14 0.74 8.95
CA ARG A 13 -6.72 0.94 10.33
C ARG A 13 -5.60 1.99 10.36
N LEU A 14 -5.59 2.82 11.39
CA LEU A 14 -4.66 3.93 11.40
C LEU A 14 -3.26 3.43 11.63
N PRO A 15 -2.28 4.11 11.01
CA PRO A 15 -0.87 3.81 11.26
C PRO A 15 -0.56 3.69 12.73
N ALA A 16 0.14 2.60 13.06
CA ALA A 16 0.46 2.25 14.43
C ALA A 16 1.18 3.43 15.10
N SER A 17 2.22 3.93 14.43
CA SER A 17 2.85 5.20 14.78
C SER A 17 2.90 6.03 13.50
N PRO A 18 2.11 7.12 13.44
CA PRO A 18 2.07 7.90 12.20
C PRO A 18 3.37 8.56 11.85
N GLU A 19 4.18 8.88 12.83
CA GLU A 19 5.40 9.65 12.60
C GLU A 19 6.35 8.94 11.64
N THR A 20 6.24 7.61 11.59
CA THR A 20 7.09 6.75 10.78
C THR A 20 6.35 6.01 9.67
N HIS A 21 5.09 6.35 9.43
CA HIS A 21 4.24 5.59 8.51
C HIS A 21 4.65 5.80 7.05
N LEU A 22 4.90 7.05 6.68
CA LEU A 22 5.45 7.34 5.36
C LEU A 22 6.81 6.68 5.17
N ASP A 23 7.62 6.66 6.22
CA ASP A 23 8.96 5.99 6.16
C ASP A 23 8.84 4.49 5.79
N MET A 24 7.91 3.79 6.44
CA MET A 24 7.71 2.39 6.15
C MET A 24 7.40 2.23 4.69
N LEU A 25 6.56 3.08 4.15
CA LEU A 25 6.14 2.96 2.75
C LEU A 25 7.30 3.15 1.82
N ARG A 26 8.14 4.16 2.05
CA ARG A 26 9.28 4.41 1.19
C ARG A 26 10.26 3.24 1.20
N HIS A 27 10.61 2.73 2.37
CA HIS A 27 11.48 1.53 2.43
C HIS A 27 10.88 0.38 1.68
N LEU A 28 9.60 0.16 1.98
CA LEU A 28 8.83 -0.96 1.43
C LEU A 28 8.56 -0.94 -0.06
N TYR A 29 8.65 0.24 -0.68
CA TYR A 29 8.38 0.30 -2.15
C TYR A 29 9.42 1.00 -3.01
N GLN A 30 10.47 1.57 -2.41
CA GLN A 30 11.42 2.47 -3.11
C GLN A 30 11.91 1.94 -4.43
N GLY A 31 12.28 0.67 -4.46
CA GLY A 31 12.77 0.10 -5.69
C GLY A 31 11.81 -0.87 -6.31
N CYS A 32 10.66 -1.08 -5.67
CA CYS A 32 9.73 -2.17 -6.04
C CYS A 32 9.08 -2.00 -7.41
N GLN A 33 9.02 -3.11 -8.15
CA GLN A 33 8.31 -3.22 -9.44
C GLN A 33 7.09 -4.12 -9.35
N VAL A 34 7.14 -5.15 -8.50
CA VAL A 34 6.02 -6.05 -8.24
C VAL A 34 5.70 -6.17 -6.73
N VAL A 35 4.54 -5.67 -6.34
CA VAL A 35 4.01 -5.87 -5.01
C VAL A 35 3.41 -7.28 -5.00
N GLN A 36 3.76 -8.07 -3.98
CA GLN A 36 3.22 -9.41 -3.84
C GLN A 36 2.22 -9.48 -2.72
N GLY A 37 1.30 -8.53 -2.74
CA GLY A 37 0.17 -8.50 -1.84
C GLY A 37 -0.66 -7.30 -2.22
N ASN A 38 -1.02 -6.49 -1.23
CA ASN A 38 -1.87 -5.34 -1.41
C ASN A 38 -1.08 -4.07 -1.34
N LEU A 39 -1.31 -3.17 -2.30
CA LEU A 39 -0.71 -1.84 -2.28
C LEU A 39 -1.71 -0.88 -1.59
N GLU A 40 -1.41 -0.49 -0.36
CA GLU A 40 -2.34 0.22 0.48
C GLU A 40 -1.75 1.57 0.85
N LEU A 41 -2.42 2.65 0.47
CA LEU A 41 -1.84 3.98 0.60
C LEU A 41 -2.80 4.88 1.34
N THR A 42 -2.66 4.85 2.67
CA THR A 42 -3.66 5.37 3.55
C THR A 42 -3.06 6.38 4.47
N TYR A 43 -3.78 7.47 4.70
CA TYR A 43 -3.40 8.51 5.70
C TYR A 43 -2.17 9.31 5.32
N LEU A 44 -2.05 9.64 4.04
CA LEU A 44 -0.89 10.38 3.56
C LEU A 44 -1.17 11.90 3.56
N PRO A 45 -0.25 12.71 4.11
CA PRO A 45 -0.50 14.14 4.17
C PRO A 45 -0.36 14.83 2.83
N THR A 46 -0.74 16.10 2.86
CA THR A 46 -0.95 16.88 1.66
C THR A 46 0.38 17.15 0.93
N ASN A 47 1.41 17.52 1.69
CA ASN A 47 2.73 17.81 1.13
C ASN A 47 3.61 16.60 1.35
N ALA A 48 3.51 15.60 0.49
CA ALA A 48 4.16 14.31 0.78
C ALA A 48 4.73 13.69 -0.45
N SER A 49 6.03 13.87 -0.67
CA SER A 49 6.67 13.17 -1.79
C SER A 49 6.28 11.69 -1.75
N LEU A 50 5.68 11.23 -2.84
CA LEU A 50 5.36 9.81 -3.02
C LEU A 50 6.12 9.43 -4.24
N SER A 51 7.27 10.06 -4.42
CA SER A 51 8.05 9.85 -5.62
C SER A 51 8.52 8.40 -5.70
N PHE A 52 8.60 7.68 -4.59
CA PHE A 52 9.09 6.28 -4.54
C PHE A 52 8.19 5.19 -5.16
N LEU A 53 6.95 5.52 -5.49
CA LEU A 53 6.03 4.57 -6.11
C LEU A 53 6.16 4.43 -7.64
N GLN A 54 7.05 5.22 -8.24
CA GLN A 54 7.15 5.40 -9.69
C GLN A 54 7.43 4.15 -10.48
N ASP A 55 7.95 3.11 -9.86
CA ASP A 55 8.34 1.89 -10.59
C ASP A 55 7.38 0.72 -10.47
N ILE A 56 6.24 0.88 -9.78
CA ILE A 56 5.32 -0.24 -9.54
C ILE A 56 4.59 -0.61 -10.82
N GLN A 57 4.65 -1.89 -11.21
CA GLN A 57 4.07 -2.39 -12.48
C GLN A 57 3.04 -3.48 -12.28
N GLU A 58 3.27 -4.40 -11.37
CA GLU A 58 2.24 -5.37 -11.01
C GLU A 58 1.87 -5.23 -9.56
N VAL A 59 0.61 -5.54 -9.28
CA VAL A 59 0.13 -5.67 -7.91
C VAL A 59 -0.65 -6.98 -7.83
N GLN A 60 -0.21 -7.86 -6.93
CA GLN A 60 -0.70 -9.22 -6.85
C GLN A 60 -2.06 -9.27 -6.26
N GLY A 61 -2.33 -8.33 -5.34
CA GLY A 61 -3.57 -8.30 -4.55
C GLY A 61 -4.44 -7.17 -4.97
N TYR A 62 -4.83 -6.32 -4.02
CA TYR A 62 -5.71 -5.19 -4.31
C TYR A 62 -4.96 -3.87 -4.16
N VAL A 63 -5.56 -2.78 -4.63
CA VAL A 63 -4.98 -1.47 -4.48
C VAL A 63 -5.95 -0.59 -3.73
N LEU A 64 -5.56 -0.17 -2.54
CA LEU A 64 -6.37 0.66 -1.69
C LEU A 64 -5.71 2.02 -1.62
N ILE A 65 -6.49 3.08 -1.88
CA ILE A 65 -6.02 4.46 -1.77
C ILE A 65 -7.10 5.17 -1.00
N ALA A 66 -6.83 5.41 0.28
CA ALA A 66 -7.86 5.79 1.26
C ALA A 66 -7.37 6.73 2.35
N HIS A 67 -8.16 7.77 2.64
CA HIS A 67 -7.95 8.74 3.73
C HIS A 67 -6.72 9.59 3.54
N ASN A 68 -6.38 9.97 2.32
CA ASN A 68 -5.18 10.76 2.06
C ASN A 68 -5.51 12.16 1.57
N GLN A 69 -4.84 13.16 2.13
CA GLN A 69 -5.06 14.55 1.72
C GLN A 69 -4.15 14.95 0.56
N VAL A 70 -3.32 14.04 0.08
CA VAL A 70 -2.39 14.33 -1.02
C VAL A 70 -3.17 14.48 -2.32
N ARG A 71 -2.67 15.30 -3.24
CA ARG A 71 -3.42 15.63 -4.45
C ARG A 71 -3.24 14.62 -5.57
N GLN A 72 -2.06 14.02 -5.65
CA GLN A 72 -1.78 13.09 -6.75
C GLN A 72 -0.90 11.96 -6.25
N VAL A 73 -1.12 10.76 -6.81
CA VAL A 73 -0.49 9.53 -6.36
C VAL A 73 0.16 8.82 -7.56
N PRO A 74 1.47 9.02 -7.77
CA PRO A 74 2.08 8.68 -9.04
C PRO A 74 2.24 7.17 -9.31
N LEU A 75 1.15 6.55 -9.73
CA LEU A 75 1.16 5.13 -10.12
C LEU A 75 1.01 4.93 -11.64
N GLN A 76 1.58 5.85 -12.41
CA GLN A 76 1.38 5.87 -13.87
C GLN A 76 1.80 4.58 -14.54
N ARG A 77 2.91 3.98 -14.10
CA ARG A 77 3.46 2.77 -14.74
C ARG A 77 2.78 1.47 -14.32
N LEU A 78 1.83 1.55 -13.41
CA LEU A 78 1.19 0.35 -12.92
C LEU A 78 0.33 -0.22 -14.01
N ARG A 79 0.64 -1.44 -14.42
CA ARG A 79 -0.09 -2.09 -15.52
C ARG A 79 -1.14 -3.12 -15.15
N ILE A 80 -0.84 -4.05 -14.24
CA ILE A 80 -1.84 -5.07 -13.92
C ILE A 80 -2.09 -5.12 -12.41
N VAL A 81 -3.30 -5.57 -12.06
CA VAL A 81 -3.72 -5.77 -10.70
C VAL A 81 -4.42 -7.10 -10.72
N ARG A 82 -3.76 -8.14 -10.22
CA ARG A 82 -4.28 -9.52 -10.40
C ARG A 82 -5.43 -9.85 -9.44
N GLY A 83 -5.53 -9.11 -8.33
CA GLY A 83 -6.65 -9.27 -7.40
C GLY A 83 -6.76 -10.62 -6.71
N THR A 84 -5.62 -11.16 -6.33
CA THR A 84 -5.63 -12.45 -5.64
C THR A 84 -6.19 -12.31 -4.22
N GLN A 85 -5.94 -11.16 -3.59
CA GLN A 85 -6.63 -10.73 -2.41
C GLN A 85 -7.48 -9.55 -2.78
N LEU A 86 -8.70 -9.46 -2.24
CA LEU A 86 -9.59 -8.33 -2.55
C LEU A 86 -9.98 -7.51 -1.31
N PHE A 87 -10.10 -6.20 -1.49
CA PHE A 87 -10.49 -5.28 -0.43
C PHE A 87 -12.01 -5.36 -0.25
N GLU A 88 -12.45 -5.64 0.98
CA GLU A 88 -13.84 -5.96 1.25
C GLU A 88 -14.26 -7.29 0.57
N ASP A 89 -13.23 -8.01 0.13
CA ASP A 89 -13.33 -9.26 -0.66
C ASP A 89 -14.18 -9.16 -1.95
N ASN A 90 -14.28 -7.93 -2.47
CA ASN A 90 -15.01 -7.67 -3.69
C ASN A 90 -14.50 -6.43 -4.45
N TYR A 91 -13.20 -6.14 -4.35
CA TYR A 91 -12.66 -4.99 -5.05
C TYR A 91 -11.18 -5.17 -5.19
N ALA A 92 -10.69 -5.02 -6.41
CA ALA A 92 -9.26 -4.98 -6.69
C ALA A 92 -8.73 -3.58 -6.59
N LEU A 93 -9.56 -2.61 -6.91
CA LEU A 93 -9.22 -1.21 -6.76
C LEU A 93 -10.26 -0.58 -5.86
N ALA A 94 -9.82 0.06 -4.78
CA ALA A 94 -10.70 0.79 -3.87
C ALA A 94 -10.14 2.14 -3.52
N VAL A 95 -10.92 3.18 -3.72
CA VAL A 95 -10.44 4.56 -3.60
C VAL A 95 -11.42 5.36 -2.75
N LEU A 96 -11.08 5.56 -1.48
CA LEU A 96 -12.01 6.04 -0.47
C LEU A 96 -11.55 7.29 0.25
N ASP A 97 -12.50 8.13 0.60
CA ASP A 97 -12.33 9.14 1.64
C ASP A 97 -11.03 9.90 1.53
N ASN A 98 -10.70 10.40 0.34
CA ASN A 98 -9.46 11.14 0.17
C ASN A 98 -9.51 12.64 0.49
N GLY A 99 -10.19 13.45 -0.29
CA GLY A 99 -10.44 14.83 0.21
C GLY A 99 -11.27 14.91 1.52
N ASP A 100 -10.83 15.76 2.45
CA ASP A 100 -11.60 16.03 3.68
C ASP A 100 -12.45 17.26 3.43
N PRO A 101 -13.77 17.21 3.76
CA PRO A 101 -14.57 18.45 3.71
C PRO A 101 -13.91 19.64 4.42
N LEU A 102 -13.07 19.36 5.43
CA LEU A 102 -11.92 20.22 5.84
C LEU A 102 -12.26 21.31 6.85
N ASN A 103 -13.52 21.72 6.90
CA ASN A 103 -14.06 22.68 7.89
C ASN A 103 -13.36 24.04 7.92
N ASN A 104 -12.89 24.51 6.76
CA ASN A 104 -12.15 25.76 6.66
C ASN A 104 -10.99 25.80 7.68
N THR A 105 -10.30 24.67 7.86
CA THR A 105 -9.16 24.59 8.77
C THR A 105 -8.08 25.53 8.23
N THR A 106 -7.91 25.48 6.91
CA THR A 106 -7.01 26.39 6.18
C THR A 106 -7.67 27.78 6.12
N PRO A 107 -6.90 28.85 5.74
CA PRO A 107 -7.61 30.12 5.67
C PRO A 107 -8.72 30.07 4.64
N VAL A 108 -9.68 30.98 4.73
CA VAL A 108 -10.82 31.00 3.81
C VAL A 108 -10.30 30.93 2.36
N THR A 109 -9.24 31.69 2.09
CA THR A 109 -8.57 31.64 0.79
C THR A 109 -7.38 30.70 0.89
N GLY A 110 -7.68 29.41 0.99
CA GLY A 110 -6.66 28.37 0.97
C GLY A 110 -5.94 28.42 -0.36
N ALA A 111 -4.61 28.27 -0.31
CA ALA A 111 -3.79 28.19 -1.53
C ALA A 111 -4.42 27.22 -2.55
N SER A 112 -4.84 26.05 -2.05
CA SER A 112 -5.61 25.08 -2.81
C SER A 112 -6.16 24.07 -1.80
N PRO A 113 -7.17 23.28 -2.19
CA PRO A 113 -7.73 22.30 -1.25
C PRO A 113 -7.11 20.93 -1.42
N GLY A 114 -7.32 20.10 -0.42
CA GLY A 114 -6.73 18.76 -0.38
C GLY A 114 -7.64 17.73 -0.99
N GLY A 115 -7.04 16.60 -1.32
CA GLY A 115 -7.75 15.48 -1.89
C GLY A 115 -7.28 15.11 -3.27
N LEU A 116 -7.23 13.81 -3.50
CA LEU A 116 -6.86 13.26 -4.79
C LEU A 116 -7.74 13.80 -5.94
N ARG A 117 -7.09 14.10 -7.06
CA ARG A 117 -7.66 14.89 -8.15
C ARG A 117 -7.98 14.10 -9.40
N GLU A 118 -7.02 13.31 -9.84
CA GLU A 118 -7.18 12.40 -10.96
C GLU A 118 -6.55 11.09 -10.50
N LEU A 119 -7.00 9.98 -11.08
CA LEU A 119 -6.42 8.69 -10.75
C LEU A 119 -5.09 8.44 -11.43
N GLN A 120 -4.90 8.99 -12.61
CA GLN A 120 -3.61 8.90 -13.33
C GLN A 120 -3.05 7.47 -13.32
N LEU A 121 -3.78 6.59 -13.98
CA LEU A 121 -3.40 5.20 -14.16
C LEU A 121 -3.28 4.94 -15.68
N ARG A 122 -2.27 5.57 -16.29
CA ARG A 122 -2.07 5.54 -17.76
C ARG A 122 -1.83 4.14 -18.29
N SER A 123 -1.52 3.19 -17.42
CA SER A 123 -1.11 1.88 -17.88
C SER A 123 -1.97 0.75 -17.34
N LEU A 124 -2.96 1.04 -16.52
CA LEU A 124 -3.75 -0.04 -15.96
C LEU A 124 -4.68 -0.54 -17.04
N THR A 125 -4.29 -1.65 -17.69
CA THR A 125 -5.12 -2.28 -18.71
C THR A 125 -5.57 -3.69 -18.33
N GLU A 126 -5.31 -4.12 -17.09
CA GLU A 126 -5.74 -5.44 -16.65
C GLU A 126 -6.06 -5.48 -15.14
N ILE A 127 -7.27 -5.96 -14.84
CA ILE A 127 -7.70 -6.36 -13.50
C ILE A 127 -8.21 -7.77 -13.69
N LEU A 128 -7.42 -8.75 -13.30
CA LEU A 128 -7.78 -10.18 -13.46
C LEU A 128 -8.95 -10.62 -12.59
N LYS A 129 -9.04 -10.10 -11.39
CA LYS A 129 -10.14 -10.44 -10.51
C LYS A 129 -10.50 -9.24 -9.69
N GLY A 130 -11.80 -9.03 -9.46
CA GLY A 130 -12.28 -8.00 -8.55
C GLY A 130 -12.87 -6.82 -9.26
N GLY A 131 -13.66 -6.06 -8.51
CA GLY A 131 -14.38 -4.90 -9.00
C GLY A 131 -13.66 -3.61 -8.73
N VAL A 132 -14.42 -2.51 -8.76
CA VAL A 132 -13.87 -1.19 -8.47
C VAL A 132 -14.78 -0.44 -7.55
N LEU A 133 -14.25 0.05 -6.42
CA LEU A 133 -15.00 0.84 -5.43
C LEU A 133 -14.43 2.22 -5.34
N ILE A 134 -15.24 3.24 -5.61
CA ILE A 134 -14.74 4.63 -5.54
C ILE A 134 -15.76 5.54 -4.86
N GLN A 135 -15.44 6.00 -3.65
CA GLN A 135 -16.39 6.72 -2.82
C GLN A 135 -15.78 7.89 -2.09
N ARG A 136 -16.50 9.01 -2.10
CA ARG A 136 -16.20 10.16 -1.26
C ARG A 136 -14.84 10.83 -1.46
N ASN A 137 -14.50 11.07 -2.71
CA ASN A 137 -13.32 11.83 -3.03
C ASN A 137 -14.01 13.07 -3.62
N PRO A 138 -13.93 14.22 -2.96
CA PRO A 138 -14.62 15.40 -3.50
C PRO A 138 -13.87 16.14 -4.61
N GLN A 139 -12.55 16.05 -4.63
CA GLN A 139 -11.75 16.63 -5.70
C GLN A 139 -11.49 15.70 -6.89
N LEU A 140 -12.12 14.53 -6.93
CA LEU A 140 -11.75 13.54 -7.93
C LEU A 140 -12.49 13.67 -9.27
N CYS A 141 -11.72 13.60 -10.33
CA CYS A 141 -12.23 13.70 -11.70
C CYS A 141 -11.84 12.57 -12.62
N TYR A 142 -12.80 12.21 -13.48
CA TYR A 142 -12.60 11.26 -14.58
C TYR A 142 -12.86 9.82 -14.19
N GLN A 143 -13.03 9.54 -12.92
CA GLN A 143 -13.37 8.18 -12.50
C GLN A 143 -14.49 7.54 -13.36
N ASP A 144 -15.44 8.35 -13.81
CA ASP A 144 -16.63 7.86 -14.52
C ASP A 144 -16.48 7.82 -16.05
N THR A 145 -15.46 8.49 -16.56
CA THR A 145 -15.16 8.47 -17.98
C THR A 145 -14.52 7.16 -18.42
N ILE A 146 -13.74 6.54 -17.54
CA ILE A 146 -13.10 5.28 -17.89
C ILE A 146 -14.14 4.20 -18.21
N LEU A 147 -13.78 3.34 -19.15
CA LEU A 147 -14.54 2.16 -19.49
C LEU A 147 -13.88 0.98 -18.79
N TRP A 148 -14.43 0.63 -17.62
CA TRP A 148 -13.78 -0.34 -16.74
C TRP A 148 -13.94 -1.75 -17.25
N LYS A 149 -14.92 -1.98 -18.11
CA LYS A 149 -15.15 -3.31 -18.69
C LYS A 149 -14.01 -3.72 -19.60
N ASP A 150 -13.37 -2.73 -20.20
CA ASP A 150 -12.17 -2.98 -20.95
C ASP A 150 -11.02 -3.43 -20.04
N ILE A 151 -10.90 -2.84 -18.85
CA ILE A 151 -9.81 -3.20 -17.96
C ILE A 151 -10.05 -4.58 -17.34
N PHE A 152 -11.24 -4.84 -16.82
CA PHE A 152 -11.58 -6.16 -16.24
C PHE A 152 -11.31 -7.28 -17.27
N HIS A 153 -10.78 -8.40 -16.81
CA HIS A 153 -10.43 -9.50 -17.72
C HIS A 153 -11.68 -10.22 -18.18
N LYS A 154 -11.60 -10.81 -19.38
CA LYS A 154 -12.67 -11.62 -19.95
C LYS A 154 -13.32 -12.52 -18.90
N ASN A 155 -12.48 -13.05 -18.00
CA ASN A 155 -12.88 -14.07 -17.04
C ASN A 155 -13.10 -13.53 -15.64
N ASN A 156 -13.28 -12.22 -15.53
CA ASN A 156 -13.34 -11.55 -14.23
C ASN A 156 -14.77 -11.55 -13.78
N GLN A 157 -15.07 -12.55 -12.95
CA GLN A 157 -16.24 -12.54 -12.06
C GLN A 157 -15.90 -11.55 -10.94
N LEU A 158 -16.92 -10.97 -10.32
CA LEU A 158 -16.76 -9.83 -9.38
C LEU A 158 -16.45 -8.48 -10.08
N ALA A 159 -16.75 -8.39 -11.39
CA ALA A 159 -16.53 -7.18 -12.17
C ALA A 159 -17.61 -6.12 -11.90
N LEU A 160 -17.73 -5.71 -10.65
CA LEU A 160 -18.73 -4.75 -10.18
C LEU A 160 -18.08 -3.37 -10.00
N THR A 161 -18.90 -2.33 -10.13
CA THR A 161 -18.41 -0.96 -10.05
C THR A 161 -19.39 -0.13 -9.24
N LEU A 162 -18.96 0.36 -8.09
CA LEU A 162 -19.72 1.37 -7.32
C LEU A 162 -18.81 2.58 -7.25
N ILE A 163 -19.16 3.57 -8.07
CA ILE A 163 -18.38 4.76 -8.24
C ILE A 163 -19.23 6.01 -7.98
N ASP A 164 -19.18 6.51 -6.75
CA ASP A 164 -19.72 7.83 -6.42
C ASP A 164 -19.05 8.87 -7.32
N THR A 165 -19.84 9.80 -7.83
CA THR A 165 -19.28 10.95 -8.57
C THR A 165 -19.72 12.30 -8.04
N ASN A 166 -19.85 12.44 -6.72
CA ASN A 166 -20.12 13.73 -6.12
C ASN A 166 -18.79 14.43 -6.04
N ARG A 167 -18.72 15.62 -6.64
CA ARG A 167 -17.51 16.43 -6.65
C ARG A 167 -17.79 17.88 -6.28
N SER A 168 -16.81 18.49 -5.62
CA SER A 168 -16.86 19.87 -5.18
C SER A 168 -16.27 20.76 -6.29
N ARG A 169 -15.80 20.13 -7.37
CA ARG A 169 -15.02 20.75 -8.43
C ARG A 169 -15.52 20.24 -9.77
N ALA A 170 -15.73 21.13 -10.73
CA ALA A 170 -16.20 20.74 -12.05
C ALA A 170 -15.01 20.30 -12.85
N CYS A 171 -15.19 19.22 -13.62
CA CYS A 171 -14.06 18.59 -14.29
C CYS A 171 -13.94 19.06 -15.72
N HIS A 172 -12.79 19.67 -16.05
CA HIS A 172 -12.52 20.06 -17.42
C HIS A 172 -12.54 18.82 -18.33
N PRO A 173 -12.95 18.98 -19.60
CA PRO A 173 -13.12 17.81 -20.46
C PRO A 173 -11.80 17.14 -20.72
N CYS A 174 -11.87 15.89 -21.18
CA CYS A 174 -10.68 15.13 -21.55
C CYS A 174 -9.92 15.88 -22.64
N SER A 175 -8.61 15.72 -22.72
CA SER A 175 -7.84 16.44 -23.75
C SER A 175 -8.41 16.08 -25.12
N PRO A 176 -8.39 17.04 -26.08
CA PRO A 176 -8.98 16.74 -27.38
C PRO A 176 -8.26 15.60 -28.10
N MET A 177 -7.00 15.31 -27.79
CA MET A 177 -6.37 14.13 -28.38
C MET A 177 -7.07 12.80 -28.08
N CYS A 178 -7.98 12.76 -27.11
CA CYS A 178 -8.64 11.50 -26.66
C CYS A 178 -10.00 11.34 -27.32
N LYS A 179 -9.98 11.02 -28.61
CA LYS A 179 -11.21 10.65 -29.31
C LYS A 179 -11.79 9.48 -28.51
N GLY A 180 -13.10 9.51 -28.28
CA GLY A 180 -13.76 8.53 -27.38
C GLY A 180 -14.14 9.14 -26.03
N SER A 181 -13.43 10.20 -25.62
CA SER A 181 -13.68 10.93 -24.37
C SER A 181 -13.54 10.06 -23.11
N ARG A 182 -12.51 9.22 -23.09
CA ARG A 182 -12.19 8.45 -21.90
C ARG A 182 -10.72 8.67 -21.52
N CYS A 183 -10.48 9.14 -20.30
CA CYS A 183 -9.15 9.55 -19.90
C CYS A 183 -9.01 9.53 -18.38
N TRP A 184 -7.80 9.32 -17.90
CA TRP A 184 -7.50 9.38 -16.45
C TRP A 184 -7.23 10.79 -15.93
N GLY A 185 -7.14 11.78 -16.83
CA GLY A 185 -6.81 13.14 -16.42
C GLY A 185 -6.86 14.12 -17.57
N GLU A 186 -6.56 15.38 -17.24
CA GLU A 186 -6.61 16.47 -18.21
C GLU A 186 -5.58 16.36 -19.33
N SER A 187 -4.50 15.62 -19.10
CA SER A 187 -3.36 15.61 -20.01
C SER A 187 -3.67 14.80 -21.24
N SER A 188 -2.93 15.09 -22.31
CA SER A 188 -3.00 14.32 -23.55
C SER A 188 -2.35 12.95 -23.41
N GLU A 189 -1.50 12.79 -22.39
CA GLU A 189 -0.92 11.49 -22.08
C GLU A 189 -1.83 10.56 -21.27
N ASP A 190 -2.94 11.07 -20.78
CA ASP A 190 -3.83 10.32 -19.90
C ASP A 190 -4.99 9.59 -20.61
N CYS A 191 -4.93 9.42 -21.93
CA CYS A 191 -6.08 8.87 -22.67
C CYS A 191 -6.20 7.39 -22.43
N GLN A 192 -7.40 6.89 -22.13
CA GLN A 192 -7.57 5.46 -21.83
C GLN A 192 -7.33 4.69 -23.11
N SER A 193 -6.18 4.06 -23.19
CA SER A 193 -5.85 3.11 -24.25
C SER A 193 -6.63 1.79 -24.11
N LEU A 194 -7.31 1.39 -25.18
CA LEU A 194 -8.15 0.20 -25.16
C LEU A 194 -7.45 -1.05 -25.70
N THR A 195 -7.77 -2.20 -25.11
CA THR A 195 -7.12 -3.47 -25.47
C THR A 195 -8.01 -4.68 -25.35
N ARG A 196 -9.33 -4.54 -25.16
CA ARG A 196 -10.19 -5.75 -25.08
C ARG A 196 -11.49 -5.64 -25.83
N THR A 197 -12.20 -4.55 -25.61
CA THR A 197 -13.47 -4.29 -26.29
C THR A 197 -13.30 -3.95 -27.78
N VAL A 198 -12.12 -3.43 -28.15
CA VAL A 198 -11.83 -3.01 -29.51
C VAL A 198 -11.16 -4.14 -30.34
N CYS A 199 -11.38 -5.38 -29.91
CA CYS A 199 -10.64 -6.53 -30.43
C CYS A 199 -11.40 -7.19 -31.54
N ALA A 200 -10.64 -7.90 -32.38
CA ALA A 200 -11.20 -8.77 -33.41
C ALA A 200 -11.76 -10.05 -32.77
N GLY A 201 -12.34 -10.91 -33.59
CA GLY A 201 -13.15 -12.02 -33.08
C GLY A 201 -12.33 -13.07 -32.36
N GLY A 202 -12.95 -13.69 -31.36
CA GLY A 202 -12.36 -14.85 -30.66
C GLY A 202 -11.00 -14.63 -30.01
N CYS A 203 -10.74 -13.38 -29.58
CA CYS A 203 -9.49 -13.04 -28.86
C CYS A 203 -9.81 -12.70 -27.42
N ALA A 204 -8.79 -12.28 -26.69
CA ALA A 204 -8.91 -11.88 -25.30
C ALA A 204 -8.31 -10.52 -24.98
N ARG A 205 -7.19 -10.21 -25.64
CA ARG A 205 -6.47 -8.95 -25.53
C ARG A 205 -5.92 -8.63 -26.92
N CYS A 206 -5.66 -7.36 -27.22
CA CYS A 206 -5.14 -7.02 -28.53
C CYS A 206 -4.48 -5.66 -28.52
N LYS A 207 -3.61 -5.47 -29.51
CA LYS A 207 -2.84 -4.25 -29.72
C LYS A 207 -3.59 -3.21 -30.55
N GLY A 208 -4.73 -3.62 -31.14
CA GLY A 208 -5.43 -2.81 -32.13
C GLY A 208 -6.62 -3.52 -32.76
N PRO A 209 -7.18 -2.92 -33.84
CA PRO A 209 -8.50 -3.35 -34.33
C PRO A 209 -8.60 -4.74 -35.01
N LEU A 210 -7.49 -5.22 -35.58
CA LEU A 210 -7.47 -6.33 -36.55
C LEU A 210 -7.00 -7.67 -35.93
N PRO A 211 -7.00 -8.79 -36.70
CA PRO A 211 -6.46 -10.05 -36.12
C PRO A 211 -4.94 -10.16 -36.13
N THR A 212 -4.23 -9.39 -36.94
CA THR A 212 -2.77 -9.29 -36.81
C THR A 212 -2.40 -8.74 -35.44
N ASP A 213 -3.20 -7.77 -34.98
CA ASP A 213 -2.99 -7.07 -33.71
C ASP A 213 -3.29 -7.90 -32.48
N CYS A 214 -3.98 -9.03 -32.62
CA CYS A 214 -4.34 -9.85 -31.47
C CYS A 214 -3.16 -10.38 -30.71
N CYS A 215 -3.25 -10.34 -29.37
CA CYS A 215 -2.17 -10.73 -28.48
C CYS A 215 -2.21 -12.22 -28.28
N HIS A 216 -1.04 -12.78 -27.97
CA HIS A 216 -0.92 -14.19 -27.60
C HIS A 216 -1.88 -14.50 -26.43
N GLU A 217 -2.46 -15.69 -26.43
CA GLU A 217 -3.33 -16.16 -25.36
C GLU A 217 -2.71 -16.19 -23.93
N GLN A 218 -1.42 -15.93 -23.83
CA GLN A 218 -0.74 -15.95 -22.55
C GLN A 218 -0.43 -14.52 -22.12
N CYS A 219 -0.73 -13.53 -22.95
CA CYS A 219 -0.63 -12.14 -22.54
C CYS A 219 -1.77 -11.72 -21.64
N ALA A 220 -1.59 -10.58 -20.98
CA ALA A 220 -2.55 -10.15 -19.97
C ALA A 220 -2.89 -8.69 -19.99
N ALA A 221 -1.95 -7.81 -20.27
CA ALA A 221 -2.31 -6.38 -20.30
C ALA A 221 -2.31 -5.73 -21.68
N GLY A 222 -1.92 -6.50 -22.70
CA GLY A 222 -1.76 -5.99 -24.05
C GLY A 222 -0.56 -6.69 -24.64
N CYS A 223 0.03 -6.05 -25.66
CA CYS A 223 1.23 -6.55 -26.30
C CYS A 223 1.75 -5.54 -27.33
N THR A 224 3.07 -5.54 -27.51
CA THR A 224 3.71 -4.79 -28.58
C THR A 224 3.77 -5.59 -29.89
N GLY A 225 3.48 -6.88 -29.81
CA GLY A 225 3.35 -7.73 -30.99
C GLY A 225 2.65 -9.03 -30.61
N PRO A 226 2.49 -9.93 -31.59
CA PRO A 226 1.69 -11.15 -31.40
C PRO A 226 2.27 -12.30 -30.61
N LYS A 227 3.59 -12.45 -30.59
CA LYS A 227 4.20 -13.64 -29.96
C LYS A 227 4.12 -13.55 -28.42
N HIS A 228 4.18 -14.71 -27.76
CA HIS A 228 4.57 -14.76 -26.34
C HIS A 228 5.99 -14.27 -26.42
N SER A 229 6.46 -13.60 -25.39
CA SER A 229 7.67 -12.76 -25.47
C SER A 229 7.30 -11.33 -25.81
N ASP A 230 6.11 -11.12 -26.38
CA ASP A 230 5.67 -9.78 -26.74
C ASP A 230 4.66 -9.21 -25.76
N CYS A 231 4.38 -9.90 -24.66
CA CYS A 231 3.38 -9.36 -23.74
C CYS A 231 3.91 -8.16 -22.97
N LEU A 232 2.94 -7.39 -22.46
CA LEU A 232 3.18 -6.36 -21.46
C LEU A 232 3.12 -6.98 -20.04
N ALA A 233 2.12 -7.83 -19.80
CA ALA A 233 2.01 -8.65 -18.60
C ALA A 233 1.50 -10.03 -18.96
N CYS A 234 1.95 -11.04 -18.21
CA CYS A 234 1.58 -12.46 -18.44
C CYS A 234 0.42 -12.87 -17.56
N LEU A 235 -0.57 -13.55 -18.14
CA LEU A 235 -1.74 -14.04 -17.42
C LEU A 235 -1.32 -14.95 -16.27
N HIS A 236 -0.27 -15.74 -16.45
CA HIS A 236 0.20 -16.64 -15.37
C HIS A 236 1.68 -16.44 -14.97
N PHE A 237 2.60 -16.94 -15.79
CA PHE A 237 4.01 -17.05 -15.40
C PHE A 237 4.97 -16.57 -16.46
N ASN A 238 5.89 -15.68 -16.07
CA ASN A 238 6.91 -15.14 -16.93
C ASN A 238 8.16 -15.99 -16.86
N HIS A 239 8.23 -17.00 -17.69
CA HIS A 239 9.37 -17.91 -17.77
C HIS A 239 10.53 -17.24 -18.49
N SER A 240 11.22 -16.36 -17.77
CA SER A 240 12.39 -15.65 -18.32
C SER A 240 12.14 -15.08 -19.72
N GLY A 241 11.06 -14.32 -19.86
CA GLY A 241 10.77 -13.62 -21.11
C GLY A 241 9.54 -14.14 -21.82
N ILE A 242 9.48 -15.44 -22.03
CA ILE A 242 8.29 -16.06 -22.61
C ILE A 242 7.22 -16.17 -21.52
N CYS A 243 5.97 -15.87 -21.86
CA CYS A 243 4.86 -16.04 -20.93
C CYS A 243 4.25 -17.41 -21.16
N GLU A 244 4.20 -18.22 -20.12
CA GLU A 244 3.69 -19.57 -20.21
C GLU A 244 2.62 -19.80 -19.18
N LEU A 245 1.87 -20.88 -19.35
CA LEU A 245 0.74 -21.20 -18.48
C LEU A 245 1.17 -21.97 -17.22
N HIS A 246 2.15 -22.86 -17.39
CA HIS A 246 2.84 -23.51 -16.27
C HIS A 246 4.33 -23.19 -16.30
N CYS A 247 4.95 -23.20 -15.13
CA CYS A 247 6.37 -23.33 -15.06
C CYS A 247 6.76 -24.73 -15.53
N PRO A 248 7.93 -24.85 -16.15
CA PRO A 248 8.38 -26.17 -16.55
C PRO A 248 8.39 -27.07 -15.31
N ALA A 249 7.86 -28.28 -15.43
CA ALA A 249 7.85 -29.21 -14.32
C ALA A 249 9.28 -29.68 -14.01
N LEU A 250 9.48 -30.26 -12.83
CA LEU A 250 10.80 -30.75 -12.40
C LEU A 250 10.95 -32.27 -12.44
N VAL A 251 10.09 -32.98 -13.19
CA VAL A 251 10.30 -34.40 -13.45
C VAL A 251 10.00 -34.61 -14.93
N THR A 252 11.05 -34.57 -15.74
CA THR A 252 10.88 -34.82 -17.15
C THR A 252 10.68 -36.33 -17.36
N TYR A 253 10.09 -36.66 -18.52
CA TYR A 253 10.06 -38.02 -19.02
C TYR A 253 11.12 -38.14 -20.09
N ASN A 254 12.33 -38.48 -19.66
CA ASN A 254 13.35 -39.02 -20.56
C ASN A 254 12.70 -40.21 -21.22
N THR A 255 13.05 -40.41 -22.48
CA THR A 255 12.35 -41.39 -23.31
C THR A 255 12.35 -42.83 -22.73
N ASP A 256 13.25 -43.10 -21.76
CA ASP A 256 13.44 -44.45 -21.22
C ASP A 256 12.89 -44.68 -19.81
N THR A 257 12.83 -43.64 -18.98
CA THR A 257 12.19 -43.73 -17.66
C THR A 257 11.95 -42.34 -17.10
N PHE A 258 11.12 -42.24 -16.05
CA PHE A 258 10.84 -40.94 -15.39
C PHE A 258 12.08 -40.42 -14.68
N GLU A 259 12.89 -39.69 -15.45
CA GLU A 259 14.15 -39.15 -14.96
C GLU A 259 13.89 -37.89 -14.16
N SER A 260 14.96 -37.34 -13.61
CA SER A 260 14.84 -36.18 -12.75
C SER A 260 14.82 -34.90 -13.54
N MET A 261 14.71 -33.82 -12.77
CA MET A 261 14.41 -32.48 -13.24
C MET A 261 15.02 -32.12 -14.59
N PRO A 262 14.22 -31.52 -15.49
CA PRO A 262 14.89 -30.77 -16.53
C PRO A 262 15.50 -29.55 -15.86
N ASN A 263 16.07 -29.64 -14.65
CA ASN A 263 16.29 -28.44 -13.79
C ASN A 263 17.29 -27.43 -14.37
N PRO A 264 18.16 -27.87 -15.30
CA PRO A 264 18.77 -26.83 -16.12
C PRO A 264 17.69 -25.95 -16.82
N GLU A 265 16.45 -26.47 -16.86
CA GLU A 265 15.21 -25.81 -17.36
C GLU A 265 13.99 -25.80 -16.41
N GLY A 266 13.80 -26.86 -15.63
CA GLY A 266 12.73 -26.96 -14.64
C GLY A 266 12.82 -25.83 -13.63
N ARG A 267 11.67 -25.27 -13.25
CA ARG A 267 11.65 -24.08 -12.40
C ARG A 267 10.54 -24.12 -11.33
N TYR A 268 10.70 -23.25 -10.34
CA TYR A 268 9.73 -23.09 -9.27
C TYR A 268 8.83 -21.87 -9.51
N THR A 269 7.52 -22.09 -9.34
CA THR A 269 6.53 -21.02 -9.32
C THR A 269 6.75 -20.14 -8.08
N PHE A 270 7.09 -18.87 -8.31
CA PHE A 270 7.24 -17.85 -7.29
C PHE A 270 6.50 -16.59 -7.72
N GLY A 271 5.25 -16.46 -7.27
CA GLY A 271 4.39 -15.34 -7.69
C GLY A 271 3.91 -15.60 -9.10
N ALA A 272 4.14 -14.64 -9.99
CA ALA A 272 3.83 -14.80 -11.43
C ALA A 272 5.10 -14.87 -12.25
N SER A 273 6.09 -15.63 -11.77
CA SER A 273 7.35 -15.83 -12.50
C SER A 273 7.90 -17.22 -12.23
N CYS A 274 8.65 -17.77 -13.18
CA CYS A 274 9.37 -19.03 -12.96
C CYS A 274 10.83 -18.75 -12.59
N VAL A 275 11.28 -19.31 -11.46
CA VAL A 275 12.64 -19.13 -10.93
C VAL A 275 13.33 -20.47 -10.72
N THR A 276 14.66 -20.43 -10.66
CA THR A 276 15.47 -21.67 -10.58
C THR A 276 15.54 -22.16 -9.13
N ALA A 277 15.87 -21.24 -8.23
CA ALA A 277 15.80 -21.49 -6.79
C ALA A 277 14.80 -20.54 -6.16
N CYS A 278 14.04 -21.02 -5.16
CA CYS A 278 13.17 -20.15 -4.39
C CYS A 278 14.00 -19.09 -3.70
N PRO A 279 13.44 -17.87 -3.53
CA PRO A 279 14.20 -16.81 -2.91
C PRO A 279 14.33 -17.05 -1.40
N TYR A 280 15.10 -16.21 -0.74
CA TYR A 280 15.31 -16.38 0.68
C TYR A 280 13.96 -16.26 1.42
N ASN A 281 13.83 -17.10 2.46
CA ASN A 281 12.72 -17.16 3.42
C ASN A 281 11.52 -17.99 2.96
N TYR A 282 11.50 -18.38 1.69
CA TYR A 282 10.45 -19.25 1.15
C TYR A 282 10.90 -20.68 1.21
N LEU A 283 9.92 -21.57 1.28
CA LEU A 283 10.16 -23.00 1.23
C LEU A 283 9.95 -23.49 -0.20
N SER A 284 10.59 -24.59 -0.54
CA SER A 284 10.34 -25.30 -1.79
C SER A 284 9.50 -26.52 -1.51
N THR A 285 8.40 -26.68 -2.23
CA THR A 285 7.72 -27.96 -2.26
C THR A 285 8.28 -28.81 -3.41
N ASP A 286 7.82 -30.05 -3.47
CA ASP A 286 8.17 -30.94 -4.58
C ASP A 286 7.29 -30.73 -5.82
N VAL A 287 6.16 -30.05 -5.63
CA VAL A 287 5.26 -29.71 -6.75
C VAL A 287 5.66 -28.40 -7.44
N GLY A 288 6.95 -28.03 -7.37
CA GLY A 288 7.48 -26.92 -8.15
C GLY A 288 7.05 -25.54 -7.72
N SER A 289 6.54 -25.41 -6.48
CA SER A 289 6.03 -24.13 -5.96
C SER A 289 7.00 -23.51 -4.97
N CYS A 290 6.98 -22.19 -4.88
CA CYS A 290 7.56 -21.54 -3.73
C CYS A 290 6.42 -21.16 -2.84
N THR A 291 6.56 -21.49 -1.55
CA THR A 291 5.48 -21.33 -0.58
C THR A 291 5.97 -20.61 0.70
N LEU A 292 4.99 -20.17 1.50
CA LEU A 292 5.23 -19.72 2.89
C LEU A 292 4.78 -20.66 3.98
N VAL A 293 3.83 -21.54 3.67
CA VAL A 293 3.46 -22.64 4.57
C VAL A 293 3.46 -23.93 3.76
N CYS A 294 3.90 -25.04 4.37
CA CYS A 294 4.03 -26.29 3.62
C CYS A 294 2.68 -26.91 3.32
N PRO A 295 2.65 -27.85 2.35
CA PRO A 295 1.42 -28.57 2.09
C PRO A 295 1.05 -29.46 3.25
N LEU A 296 -0.22 -29.83 3.30
CA LEU A 296 -0.72 -30.75 4.31
C LEU A 296 -0.03 -32.13 4.17
N HIS A 297 0.00 -32.90 5.25
CA HIS A 297 0.81 -34.15 5.37
C HIS A 297 2.30 -33.90 5.09
N ASN A 298 2.82 -32.74 5.51
CA ASN A 298 4.22 -32.37 5.21
C ASN A 298 4.95 -31.63 6.32
N GLN A 299 6.27 -31.62 6.19
CA GLN A 299 7.17 -31.20 7.25
C GLN A 299 8.21 -30.25 6.69
N GLU A 300 8.54 -29.23 7.48
CA GLU A 300 9.65 -28.35 7.13
C GLU A 300 10.95 -28.99 7.55
N VAL A 301 11.80 -29.30 6.57
CA VAL A 301 13.19 -29.63 6.88
C VAL A 301 14.10 -28.60 6.31
N THR A 302 15.34 -28.71 6.73
CA THR A 302 16.34 -27.72 6.45
C THR A 302 17.48 -28.34 5.63
N ALA A 303 18.62 -27.67 5.65
CA ALA A 303 19.80 -28.12 4.94
C ALA A 303 20.99 -27.38 5.53
N GLU A 304 22.15 -28.01 5.42
CA GLU A 304 23.40 -27.43 5.94
C GLU A 304 23.65 -26.03 5.37
N ASP A 305 23.31 -25.83 4.10
CA ASP A 305 23.55 -24.56 3.40
C ASP A 305 22.63 -23.41 3.86
N GLY A 306 21.39 -23.75 4.19
CA GLY A 306 20.39 -22.75 4.60
C GLY A 306 19.02 -22.98 3.99
N THR A 307 18.97 -23.66 2.84
CA THR A 307 17.72 -23.86 2.15
C THR A 307 16.75 -24.74 2.95
N GLN A 308 15.51 -24.29 2.94
CA GLN A 308 14.38 -24.99 3.55
C GLN A 308 13.40 -25.54 2.48
N ARG A 309 12.92 -26.75 2.70
CA ARG A 309 12.02 -27.44 1.75
C ARG A 309 10.86 -28.11 2.49
N CYS A 310 9.91 -28.64 1.71
CA CYS A 310 8.84 -29.51 2.24
C CYS A 310 9.03 -30.94 1.70
N GLU A 311 8.86 -31.93 2.58
CA GLU A 311 8.81 -33.35 2.18
C GLU A 311 7.81 -34.09 2.99
N LYS A 312 7.31 -35.16 2.40
CA LYS A 312 6.25 -35.97 2.98
C LYS A 312 6.61 -36.53 4.34
N CYS A 313 5.62 -36.57 5.22
CA CYS A 313 5.74 -37.36 6.42
C CYS A 313 5.47 -38.79 5.98
N SER A 314 6.55 -39.51 5.69
CA SER A 314 6.48 -40.95 5.45
C SER A 314 6.05 -41.72 6.70
N LYS A 315 6.24 -41.09 7.87
CA LYS A 315 5.75 -41.57 9.17
C LYS A 315 4.41 -40.84 9.42
N PRO A 316 3.85 -40.96 10.66
CA PRO A 316 2.84 -39.97 11.05
C PRO A 316 3.50 -38.60 11.19
N CYS A 317 2.82 -37.56 10.70
CA CYS A 317 3.34 -36.19 10.75
C CYS A 317 3.48 -35.74 12.20
N ALA A 318 4.71 -35.64 12.70
CA ALA A 318 4.97 -35.29 14.10
C ALA A 318 4.31 -33.97 14.45
N ARG A 319 3.71 -33.94 15.62
CA ARG A 319 2.84 -32.82 16.03
C ARG A 319 3.71 -31.61 16.40
N VAL A 320 3.14 -30.42 16.21
CA VAL A 320 3.87 -29.14 16.26
C VAL A 320 3.17 -28.08 17.14
N CYS A 321 3.89 -26.99 17.40
CA CYS A 321 3.38 -25.89 18.19
C CYS A 321 2.92 -24.82 17.23
N TYR A 322 1.61 -24.63 17.18
CA TYR A 322 1.05 -23.55 16.40
C TYR A 322 0.98 -22.26 17.21
N GLY A 323 1.32 -21.15 16.55
CA GLY A 323 1.14 -19.81 17.10
C GLY A 323 -0.21 -19.27 16.72
N LEU A 324 -0.45 -18.02 17.07
CA LEU A 324 -1.70 -17.41 16.70
C LEU A 324 -1.72 -17.29 15.19
N GLY A 325 -2.91 -17.40 14.63
CA GLY A 325 -3.05 -17.37 13.21
C GLY A 325 -2.70 -18.69 12.55
N MET A 326 -2.87 -19.78 13.29
CA MET A 326 -2.66 -21.12 12.76
C MET A 326 -3.61 -22.07 13.46
N GLU A 327 -4.45 -22.76 12.69
CA GLU A 327 -5.24 -23.89 13.19
C GLU A 327 -6.08 -23.43 14.38
N HIS A 328 -6.03 -24.15 15.52
CA HIS A 328 -6.95 -23.83 16.63
C HIS A 328 -6.78 -22.42 17.21
N LEU A 329 -5.65 -21.79 16.89
CA LEU A 329 -5.40 -20.41 17.26
C LEU A 329 -5.56 -19.47 16.07
N ARG A 330 -6.33 -19.87 15.08
CA ARG A 330 -6.38 -19.15 13.82
C ARG A 330 -6.83 -17.71 14.00
N GLU A 331 -7.79 -17.48 14.90
CA GLU A 331 -8.38 -16.12 15.07
C GLU A 331 -8.35 -15.57 16.50
N VAL A 332 -7.42 -16.03 17.33
CA VAL A 332 -7.48 -15.75 18.77
C VAL A 332 -6.83 -14.41 19.18
N ARG A 333 -5.70 -14.09 18.54
CA ARG A 333 -5.12 -12.74 18.59
C ARG A 333 -4.24 -12.37 19.79
N ALA A 334 -4.36 -13.05 20.93
CA ALA A 334 -3.43 -12.81 22.04
C ALA A 334 -2.98 -14.06 22.77
N VAL A 335 -1.74 -14.04 23.23
CA VAL A 335 -1.26 -14.99 24.18
C VAL A 335 -1.87 -14.63 25.52
N THR A 336 -2.67 -15.55 26.06
CA THR A 336 -3.39 -15.38 27.32
C THR A 336 -3.17 -16.57 28.25
N SER A 337 -3.85 -16.56 29.41
CA SER A 337 -3.79 -17.67 30.37
C SER A 337 -4.46 -18.93 29.84
N ALA A 338 -5.48 -18.77 28.99
CA ALA A 338 -6.19 -19.89 28.39
C ALA A 338 -5.31 -20.75 27.46
N ASN A 339 -4.25 -20.17 26.89
CA ASN A 339 -3.40 -20.85 25.90
C ASN A 339 -1.89 -20.83 26.12
N ILE A 340 -1.43 -20.19 27.21
CA ILE A 340 0.01 -20.04 27.49
C ILE A 340 0.71 -21.40 27.65
N GLN A 341 0.06 -22.32 28.33
CA GLN A 341 0.55 -23.68 28.56
C GLN A 341 0.74 -24.52 27.28
N GLU A 342 0.17 -24.08 26.15
CA GLU A 342 0.35 -24.78 24.88
C GLU A 342 1.75 -24.61 24.28
N PHE A 343 2.47 -23.57 24.68
CA PHE A 343 3.82 -23.27 24.15
C PHE A 343 4.96 -23.80 25.01
N ALA A 344 4.61 -24.51 26.09
CA ALA A 344 5.58 -25.13 27.01
C ALA A 344 6.48 -26.13 26.31
N GLY A 345 7.77 -25.83 26.25
CA GLY A 345 8.72 -26.79 25.67
C GLY A 345 8.56 -26.85 24.17
N CYS A 346 8.70 -25.70 23.51
CA CYS A 346 8.67 -25.63 22.05
C CYS A 346 9.97 -24.99 21.59
N LYS A 347 10.64 -25.63 20.65
CA LYS A 347 11.82 -25.04 20.06
C LYS A 347 11.46 -24.03 18.99
N LYS A 348 10.30 -24.22 18.36
CA LYS A 348 9.92 -23.52 17.14
C LYS A 348 8.39 -23.36 17.14
N ILE A 349 7.92 -22.15 16.84
CA ILE A 349 6.48 -21.86 16.74
C ILE A 349 6.11 -21.64 15.28
N PHE A 350 5.11 -22.39 14.83
CA PHE A 350 4.54 -22.19 13.52
C PHE A 350 3.39 -21.23 13.72
N GLY A 351 3.65 -19.96 13.44
CA GLY A 351 2.66 -18.91 13.66
C GLY A 351 3.28 -17.76 14.43
N SER A 352 2.45 -17.00 15.11
CA SER A 352 2.89 -15.75 15.72
C SER A 352 2.56 -15.69 17.21
N LEU A 353 3.21 -14.74 17.86
CA LEU A 353 2.95 -14.40 19.23
C LEU A 353 2.75 -12.91 19.33
N ALA A 354 1.60 -12.53 19.88
CA ALA A 354 1.34 -11.15 20.22
C ALA A 354 0.97 -11.09 21.70
N PHE A 355 1.39 -10.03 22.39
CA PHE A 355 1.07 -9.80 23.80
C PHE A 355 0.43 -8.45 23.94
N LEU A 356 -0.87 -8.43 24.19
CA LEU A 356 -1.66 -7.20 24.33
C LEU A 356 -2.02 -6.96 25.79
N PRO A 357 -2.56 -5.78 26.10
CA PRO A 357 -3.03 -5.56 27.47
C PRO A 357 -3.94 -6.64 27.98
N GLU A 358 -4.83 -7.12 27.12
CA GLU A 358 -5.80 -8.14 27.54
C GLU A 358 -5.16 -9.43 27.99
N SER A 359 -3.91 -9.64 27.58
CA SER A 359 -3.11 -10.75 28.07
C SER A 359 -2.83 -10.62 29.55
N PHE A 360 -2.29 -9.48 29.96
CA PHE A 360 -1.88 -9.24 31.34
C PHE A 360 -2.95 -8.59 32.24
N ASP A 361 -3.93 -7.94 31.66
CA ASP A 361 -5.05 -7.47 32.43
C ASP A 361 -6.06 -8.62 32.44
N GLY A 362 -7.18 -8.40 33.08
CA GLY A 362 -8.14 -9.48 33.28
C GLY A 362 -8.72 -10.06 32.00
N ASP A 363 -9.63 -9.29 31.43
CA ASP A 363 -10.76 -9.76 30.58
C ASP A 363 -11.59 -10.82 31.33
N PRO A 364 -12.35 -10.40 32.37
CA PRO A 364 -13.09 -11.37 33.20
C PRO A 364 -14.35 -12.00 32.60
N ALA A 365 -14.97 -11.35 31.61
CA ALA A 365 -16.12 -11.95 30.90
C ALA A 365 -15.71 -13.21 30.17
N SER A 366 -14.51 -13.17 29.59
CA SER A 366 -13.87 -14.36 29.03
C SER A 366 -13.63 -15.38 30.16
N ASN A 367 -13.31 -14.85 31.34
CA ASN A 367 -13.02 -15.63 32.56
C ASN A 367 -11.56 -16.08 32.53
N THR A 368 -10.79 -15.53 31.59
CA THR A 368 -9.40 -15.84 31.48
C THR A 368 -8.73 -14.89 32.45
N ALA A 369 -8.03 -15.47 33.42
CA ALA A 369 -7.31 -14.68 34.39
C ALA A 369 -6.15 -13.98 33.70
N PRO A 370 -5.58 -12.94 34.34
CA PRO A 370 -4.40 -12.29 33.76
C PRO A 370 -3.19 -13.20 33.68
N LEU A 371 -2.36 -12.97 32.68
CA LEU A 371 -1.15 -13.77 32.49
C LEU A 371 -0.10 -13.35 33.51
N GLN A 372 0.43 -14.32 34.24
CA GLN A 372 1.41 -14.01 35.25
C GLN A 372 2.77 -13.91 34.61
N PRO A 373 3.62 -12.96 35.06
CA PRO A 373 4.99 -12.87 34.52
C PRO A 373 5.82 -14.13 34.67
N GLU A 374 5.56 -14.90 35.72
CA GLU A 374 6.19 -16.22 35.91
C GLU A 374 5.86 -17.15 34.76
N GLN A 375 4.67 -17.03 34.18
CA GLN A 375 4.22 -17.93 33.14
C GLN A 375 4.96 -17.74 31.82
N LEU A 376 5.45 -16.52 31.58
CA LEU A 376 6.12 -16.22 30.32
C LEU A 376 7.33 -17.07 30.13
N GLN A 377 7.91 -17.61 31.19
CA GLN A 377 9.13 -18.37 31.01
C GLN A 377 8.86 -19.79 30.45
N VAL A 378 7.60 -20.08 30.15
CA VAL A 378 7.27 -21.04 29.10
C VAL A 378 8.15 -20.91 27.81
N PHE A 379 8.54 -19.69 27.44
CA PHE A 379 9.26 -19.41 26.18
C PHE A 379 10.80 -19.51 26.24
N GLU A 380 11.38 -19.99 27.33
CA GLU A 380 12.88 -20.12 27.41
C GLU A 380 13.50 -21.03 26.36
N THR A 381 12.72 -21.97 25.91
CA THR A 381 13.26 -23.02 25.08
C THR A 381 13.08 -22.66 23.61
N LEU A 382 12.38 -21.57 23.34
CA LEU A 382 11.95 -21.19 22.00
C LEU A 382 13.07 -20.58 21.18
N GLU A 383 13.36 -21.23 20.05
CA GLU A 383 14.44 -20.81 19.15
C GLU A 383 13.99 -20.17 17.85
N GLU A 384 12.75 -20.37 17.43
CA GLU A 384 12.28 -19.91 16.13
C GLU A 384 10.80 -19.59 16.11
N ILE A 385 10.47 -18.41 15.63
CA ILE A 385 9.09 -17.99 15.37
C ILE A 385 8.95 -17.82 13.88
N THR A 386 8.02 -18.55 13.27
CA THR A 386 7.85 -18.49 11.82
C THR A 386 7.05 -17.29 11.39
N GLY A 387 6.19 -16.80 12.27
CA GLY A 387 5.36 -15.65 11.97
C GLY A 387 6.03 -14.36 12.39
N TYR A 388 5.32 -13.56 13.18
CA TYR A 388 5.85 -12.32 13.68
C TYR A 388 5.84 -12.33 15.20
N LEU A 389 6.42 -11.30 15.80
CA LEU A 389 6.33 -11.13 17.24
C LEU A 389 5.86 -9.71 17.48
N TYR A 390 4.85 -9.55 18.34
CA TYR A 390 4.20 -8.25 18.57
C TYR A 390 3.90 -8.06 20.05
N ILE A 391 4.39 -6.97 20.64
CA ILE A 391 4.25 -6.75 22.08
C ILE A 391 3.80 -5.33 22.39
N SER A 392 2.48 -5.20 22.62
CA SER A 392 1.79 -3.95 23.02
C SER A 392 1.83 -3.70 24.52
N ALA A 393 2.31 -4.67 25.29
CA ALA A 393 2.09 -4.73 26.73
C ALA A 393 3.11 -5.69 27.33
N TRP A 394 3.66 -5.33 28.48
CA TRP A 394 4.65 -6.17 29.14
C TRP A 394 4.75 -5.84 30.61
N PRO A 395 4.78 -6.86 31.48
CA PRO A 395 4.96 -6.64 32.91
C PRO A 395 6.08 -5.68 33.24
N ASP A 396 5.78 -4.71 34.11
CA ASP A 396 6.74 -3.65 34.44
C ASP A 396 7.79 -4.17 35.41
N SER A 397 7.50 -5.30 36.06
CA SER A 397 8.49 -5.99 36.88
C SER A 397 9.55 -6.73 36.09
N LEU A 398 9.40 -6.75 34.76
CA LEU A 398 10.39 -7.32 33.85
C LEU A 398 11.12 -6.21 33.13
N PRO A 399 12.46 -6.26 33.12
CA PRO A 399 13.21 -5.15 32.54
C PRO A 399 13.32 -5.25 31.04
N ASP A 400 13.29 -6.49 30.54
CA ASP A 400 13.65 -6.78 29.17
C ASP A 400 12.84 -7.95 28.66
N LEU A 401 13.20 -8.41 27.47
CA LEU A 401 12.55 -9.56 26.86
C LEU A 401 13.41 -10.83 26.98
N SER A 402 14.04 -11.04 28.14
CA SER A 402 14.92 -12.20 28.37
C SER A 402 14.17 -13.52 28.30
N VAL A 403 12.90 -13.48 28.64
CA VAL A 403 12.02 -14.62 28.44
C VAL A 403 12.25 -15.25 27.05
N PHE A 404 12.48 -14.39 26.04
CA PHE A 404 12.85 -14.77 24.69
C PHE A 404 14.35 -14.66 24.41
N GLN A 405 15.20 -14.92 25.41
CA GLN A 405 16.66 -14.80 25.20
C GLN A 405 17.28 -15.91 24.37
N ASN A 406 16.52 -16.95 24.02
CA ASN A 406 16.99 -18.00 23.11
C ASN A 406 16.32 -17.94 21.73
N LEU A 407 15.57 -16.88 21.45
CA LEU A 407 15.03 -16.66 20.13
C LEU A 407 16.16 -16.31 19.19
N GLN A 408 16.35 -17.13 18.15
CA GLN A 408 17.38 -16.95 17.12
C GLN A 408 16.85 -16.34 15.82
N VAL A 409 15.67 -16.79 15.39
CA VAL A 409 15.08 -16.29 14.15
C VAL A 409 13.60 -15.99 14.32
N ILE A 410 13.17 -14.90 13.69
CA ILE A 410 11.77 -14.59 13.44
C ILE A 410 11.71 -14.58 11.92
N ARG A 411 10.94 -15.48 11.33
CA ARG A 411 10.86 -15.59 9.86
C ARG A 411 10.10 -14.47 9.18
N GLY A 412 9.09 -13.96 9.85
CA GLY A 412 8.25 -12.93 9.23
C GLY A 412 7.58 -13.39 7.94
N ARG A 413 7.20 -14.65 7.88
CA ARG A 413 6.42 -15.13 6.75
C ARG A 413 4.95 -14.71 6.85
N ILE A 414 4.50 -14.58 8.08
CA ILE A 414 3.27 -13.85 8.38
C ILE A 414 3.73 -12.56 9.03
N LEU A 415 3.14 -11.44 8.64
CA LEU A 415 3.57 -10.12 9.14
C LEU A 415 2.42 -9.36 9.76
N HIS A 416 2.66 -8.72 10.91
CA HIS A 416 1.62 -7.93 11.57
C HIS A 416 1.29 -6.75 10.70
N ASN A 417 0.01 -6.45 10.54
CA ASN A 417 -0.42 -5.41 9.60
C ASN A 417 0.10 -5.64 8.15
N GLY A 418 0.52 -6.86 7.84
CA GLY A 418 1.21 -7.15 6.60
C GLY A 418 2.65 -6.63 6.46
N ALA A 419 3.13 -5.85 7.42
CA ALA A 419 4.38 -5.10 7.28
C ALA A 419 5.50 -5.43 8.26
N TYR A 420 5.16 -5.80 9.50
CA TYR A 420 6.12 -5.81 10.62
C TYR A 420 6.34 -7.19 11.24
N SER A 421 7.60 -7.65 11.23
CA SER A 421 7.95 -8.94 11.85
C SER A 421 8.26 -8.85 13.34
N LEU A 422 8.71 -7.68 13.78
CA LEU A 422 8.95 -7.41 15.18
C LEU A 422 8.41 -6.00 15.45
N THR A 423 7.39 -5.92 16.31
CA THR A 423 6.86 -4.65 16.80
C THR A 423 6.89 -4.59 18.33
N LEU A 424 7.34 -3.47 18.88
CA LEU A 424 7.29 -3.28 20.34
C LEU A 424 6.89 -1.84 20.69
N GLN A 425 5.70 -1.67 21.28
CA GLN A 425 5.20 -0.34 21.65
C GLN A 425 4.56 -0.25 23.03
N GLY A 426 4.82 0.88 23.69
CA GLY A 426 4.19 1.23 24.97
C GLY A 426 4.64 0.43 26.18
N LEU A 427 5.91 0.05 26.25
CA LEU A 427 6.33 -1.01 27.18
C LEU A 427 7.14 -0.59 28.39
N GLY A 428 8.01 0.41 28.26
CA GLY A 428 8.81 0.78 29.44
C GLY A 428 9.70 -0.33 30.04
N ILE A 429 10.07 -1.27 29.20
CA ILE A 429 11.26 -2.04 29.40
C ILE A 429 12.45 -1.10 29.27
N SER A 430 13.63 -1.57 29.65
CA SER A 430 14.82 -0.73 29.66
C SER A 430 15.87 -1.14 28.66
N TRP A 431 15.88 -2.42 28.29
CA TRP A 431 16.70 -2.89 27.17
C TRP A 431 16.05 -4.10 26.58
N LEU A 432 16.46 -4.48 25.38
CA LEU A 432 15.73 -5.52 24.66
C LEU A 432 16.04 -6.91 25.22
N GLY A 433 17.32 -7.24 25.24
CA GLY A 433 17.79 -8.50 25.82
C GLY A 433 17.45 -9.75 25.02
N LEU A 434 17.62 -9.71 23.71
CA LEU A 434 17.38 -10.89 22.87
C LEU A 434 18.70 -11.43 22.36
N ARG A 435 19.61 -11.70 23.29
CA ARG A 435 21.01 -12.05 22.97
C ARG A 435 21.20 -13.06 21.81
N SER A 436 20.27 -13.99 21.68
CA SER A 436 20.38 -14.96 20.61
C SER A 436 19.89 -14.48 19.23
N LEU A 437 19.04 -13.46 19.17
CA LEU A 437 18.35 -13.11 17.92
C LEU A 437 19.34 -12.71 16.84
N ARG A 438 19.40 -13.50 15.79
CA ARG A 438 20.40 -13.31 14.76
C ARG A 438 19.78 -12.94 13.39
N GLU A 439 18.51 -13.31 13.12
CA GLU A 439 17.85 -12.81 11.90
C GLU A 439 16.34 -12.63 11.94
N LEU A 440 15.91 -11.46 11.48
CA LEU A 440 14.55 -11.21 11.10
C LEU A 440 14.44 -11.56 9.62
N GLY A 441 13.63 -12.55 9.32
CA GLY A 441 13.61 -13.13 7.99
C GLY A 441 12.99 -12.26 6.92
N SER A 442 11.87 -11.65 7.27
CA SER A 442 11.10 -10.81 6.36
C SER A 442 10.49 -9.72 7.20
N GLY A 443 10.22 -8.58 6.58
CA GLY A 443 9.48 -7.51 7.24
C GLY A 443 10.34 -6.46 7.90
N LEU A 444 9.69 -5.42 8.41
CA LEU A 444 10.39 -4.37 9.09
C LEU A 444 10.17 -4.53 10.58
N ALA A 445 10.98 -3.78 11.32
CA ALA A 445 10.94 -3.75 12.78
C ALA A 445 10.46 -2.41 13.25
N LEU A 446 9.44 -2.40 14.10
CA LEU A 446 8.83 -1.17 14.59
C LEU A 446 8.92 -1.12 16.12
N ILE A 447 9.73 -0.19 16.64
CA ILE A 447 9.98 -0.06 18.08
C ILE A 447 9.75 1.40 18.47
N HIS A 448 8.58 1.70 19.03
CA HIS A 448 8.23 3.07 19.33
C HIS A 448 7.47 3.18 20.62
N HIS A 449 7.56 4.35 21.22
CA HIS A 449 6.84 4.71 22.44
C HIS A 449 7.16 3.82 23.63
N ASN A 450 8.45 3.64 23.87
CA ASN A 450 8.94 2.90 25.02
C ASN A 450 9.79 3.87 25.82
N THR A 451 9.14 4.51 26.80
CA THR A 451 9.70 5.66 27.51
C THR A 451 11.09 5.45 28.03
N HIS A 452 11.32 4.30 28.64
CA HIS A 452 12.59 4.01 29.31
C HIS A 452 13.53 3.12 28.49
N LEU A 453 13.09 2.65 27.34
CA LEU A 453 13.90 1.72 26.53
C LEU A 453 15.18 2.36 26.02
N CYS A 454 16.29 1.86 26.54
CA CYS A 454 17.61 2.11 25.98
C CYS A 454 18.04 0.88 25.16
N PHE A 455 19.28 0.90 24.68
CA PHE A 455 19.90 -0.25 23.97
C PHE A 455 19.19 -0.60 22.67
N VAL A 456 18.87 0.44 21.90
CA VAL A 456 18.28 0.29 20.57
C VAL A 456 19.32 0.57 19.50
N HIS A 457 20.09 1.64 19.63
CA HIS A 457 21.10 1.91 18.61
C HIS A 457 22.31 1.01 18.78
N THR A 458 22.39 0.36 19.93
CA THR A 458 23.44 -0.61 20.23
C THR A 458 23.27 -1.91 19.46
N VAL A 459 22.07 -2.15 18.96
CA VAL A 459 21.75 -3.37 18.21
C VAL A 459 22.19 -3.19 16.76
N PRO A 460 22.91 -4.17 16.22
CA PRO A 460 23.33 -4.11 14.82
C PRO A 460 22.18 -4.61 13.92
N TRP A 461 21.22 -3.72 13.71
CA TRP A 461 19.99 -4.09 13.05
C TRP A 461 20.26 -4.55 11.61
N ASP A 462 21.25 -3.95 10.96
CA ASP A 462 21.51 -4.25 9.55
C ASP A 462 21.93 -5.70 9.33
N GLN A 463 22.44 -6.35 10.37
CA GLN A 463 22.86 -7.75 10.24
C GLN A 463 21.80 -8.75 10.66
N LEU A 464 20.66 -8.28 11.13
CA LEU A 464 19.48 -9.13 11.28
C LEU A 464 18.70 -9.22 9.97
N PHE A 465 18.76 -8.16 9.18
CA PHE A 465 17.94 -8.05 7.96
C PHE A 465 18.52 -8.82 6.81
N ARG A 466 17.61 -9.46 6.07
CA ARG A 466 17.94 -10.24 4.91
C ARG A 466 17.54 -9.49 3.66
N ASN A 467 16.28 -9.57 3.23
CA ASN A 467 15.85 -8.91 2.00
C ASN A 467 15.97 -7.39 2.17
N PRO A 468 16.14 -6.64 1.06
CA PRO A 468 16.04 -5.18 1.18
C PRO A 468 14.57 -4.84 1.45
N HIS A 469 14.24 -3.56 1.59
CA HIS A 469 12.92 -3.20 2.12
C HIS A 469 12.70 -3.78 3.52
N GLN A 470 13.77 -3.85 4.31
CA GLN A 470 13.64 -4.08 5.73
C GLN A 470 14.31 -2.93 6.41
N ALA A 471 13.77 -2.57 7.57
CA ALA A 471 14.29 -1.43 8.28
C ALA A 471 13.86 -1.51 9.69
N LEU A 472 14.60 -0.83 10.54
CA LEU A 472 14.11 -0.49 11.84
C LEU A 472 13.44 0.87 11.76
N LEU A 473 12.23 0.95 12.30
CA LEU A 473 11.50 2.21 12.42
C LEU A 473 11.38 2.44 13.90
N HIS A 474 11.80 3.61 14.33
CA HIS A 474 11.86 3.88 15.74
C HIS A 474 11.65 5.35 16.07
N THR A 475 10.82 5.59 17.07
CA THR A 475 10.62 6.92 17.59
C THR A 475 9.99 6.83 18.98
N ALA A 476 10.14 7.90 19.75
CA ALA A 476 9.52 8.03 21.07
C ALA A 476 10.03 7.05 22.11
N ASN A 477 11.17 6.44 21.87
CA ASN A 477 11.82 5.66 22.92
C ASN A 477 12.62 6.65 23.75
N ARG A 478 13.42 6.15 24.68
CA ARG A 478 14.23 7.01 25.51
C ARG A 478 15.37 7.62 24.69
N PRO A 479 15.65 8.96 24.86
CA PRO A 479 16.71 9.65 24.11
C PRO A 479 18.06 8.98 24.26
N GLU A 480 18.71 8.69 23.14
CA GLU A 480 19.95 7.91 23.16
C GLU A 480 20.90 8.45 24.21
N ASP A 481 21.15 9.74 24.22
CA ASP A 481 22.17 10.27 25.13
C ASP A 481 21.75 10.38 26.58
N GLU A 482 20.45 10.43 26.83
CA GLU A 482 19.92 10.23 28.18
C GLU A 482 20.26 8.81 28.70
N CYS A 483 20.70 7.91 27.82
CA CYS A 483 21.09 6.54 28.18
C CYS A 483 22.54 6.42 28.65
N VAL A 484 23.48 6.86 27.81
CA VAL A 484 24.90 6.76 28.18
C VAL A 484 25.22 7.71 29.33
N GLY A 485 24.45 8.80 29.42
CA GLY A 485 24.45 9.67 30.59
C GLY A 485 24.34 8.93 31.90
N GLU A 486 23.48 7.92 31.95
CA GLU A 486 23.17 7.21 33.20
C GLU A 486 24.03 5.91 33.37
N GLY A 487 24.89 5.61 32.41
CA GLY A 487 25.80 4.46 32.54
C GLY A 487 25.31 3.19 31.88
N LEU A 488 24.39 3.32 30.93
CA LEU A 488 23.94 2.21 30.12
C LEU A 488 24.64 2.28 28.79
N ALA A 489 25.71 1.53 28.66
CA ALA A 489 26.38 1.39 27.38
C ALA A 489 26.91 -0.01 27.33
N CYS A 490 27.22 -0.46 26.14
CA CYS A 490 27.65 -1.84 25.98
C CYS A 490 28.82 -2.15 26.88
N HIS A 491 28.91 -3.42 27.29
CA HIS A 491 30.08 -3.88 27.99
C HIS A 491 31.31 -3.62 27.14
N GLN A 492 32.43 -3.41 27.81
CA GLN A 492 33.68 -3.05 27.13
C GLN A 492 34.19 -4.21 26.29
N LEU A 493 33.79 -5.42 26.67
CA LEU A 493 34.12 -6.62 25.91
C LEU A 493 33.29 -6.87 24.66
N CYS A 494 32.18 -6.14 24.50
CA CYS A 494 31.31 -6.32 23.35
C CYS A 494 32.00 -5.80 22.11
N ALA A 495 32.25 -6.70 21.16
CA ALA A 495 32.89 -6.34 19.90
C ALA A 495 32.11 -5.27 19.14
N ARG A 496 32.79 -4.15 18.92
CA ARG A 496 32.35 -3.08 18.04
C ARG A 496 31.21 -2.29 18.67
N GLY A 497 30.94 -2.52 19.95
CA GLY A 497 29.90 -1.80 20.66
C GLY A 497 28.48 -2.29 20.41
N HIS A 498 28.31 -3.53 19.94
CA HIS A 498 27.01 -4.08 19.73
C HIS A 498 26.64 -4.99 20.88
N CYS A 499 25.56 -4.64 21.56
CA CYS A 499 24.93 -5.48 22.59
C CYS A 499 23.42 -5.31 22.59
N TRP A 500 22.74 -6.23 23.28
CA TRP A 500 21.31 -6.14 23.53
C TRP A 500 21.01 -5.64 24.92
N GLY A 501 22.04 -5.19 25.64
CA GLY A 501 21.86 -4.78 27.04
C GLY A 501 23.11 -4.69 27.89
N PRO A 502 22.92 -4.45 29.20
CA PRO A 502 24.05 -4.28 30.09
C PRO A 502 24.76 -5.60 30.29
N GLY A 503 26.07 -5.56 30.31
CA GLY A 503 26.87 -6.66 30.82
C GLY A 503 27.42 -7.55 29.73
N PRO A 504 28.27 -8.51 30.13
CA PRO A 504 28.97 -9.37 29.17
C PRO A 504 28.17 -10.58 28.73
N THR A 505 26.96 -10.76 29.26
CA THR A 505 26.03 -11.76 28.77
C THR A 505 25.18 -11.31 27.57
N GLN A 506 25.36 -10.06 27.16
CA GLN A 506 24.55 -9.44 26.12
C GLN A 506 25.33 -9.03 24.89
N CYS A 507 26.60 -9.36 24.77
CA CYS A 507 27.32 -8.97 23.57
C CYS A 507 26.80 -9.72 22.36
N VAL A 508 27.17 -9.24 21.17
CA VAL A 508 26.76 -9.84 19.92
C VAL A 508 27.92 -10.71 19.47
N ASN A 509 29.11 -10.11 19.42
CA ASN A 509 30.37 -10.86 19.36
C ASN A 509 31.16 -10.31 20.54
N CYS A 510 31.60 -11.17 21.45
CA CYS A 510 32.71 -10.82 22.37
C CYS A 510 33.89 -10.46 21.47
N SER A 511 34.65 -9.50 21.97
CA SER A 511 35.90 -9.05 21.41
C SER A 511 36.94 -10.11 21.58
N GLN A 512 36.94 -10.74 22.76
CA GLN A 512 37.92 -11.75 23.11
C GLN A 512 37.44 -13.19 23.17
N PHE A 513 36.96 -13.62 24.32
CA PHE A 513 36.51 -15.00 24.43
C PHE A 513 35.21 -15.16 25.15
N LEU A 514 34.48 -16.20 24.78
CA LEU A 514 33.17 -16.45 25.35
C LEU A 514 33.18 -17.78 26.07
N ARG A 515 32.97 -17.78 27.39
CA ARG A 515 32.71 -18.99 28.17
C ARG A 515 31.22 -19.09 28.48
N GLY A 516 30.51 -19.88 27.69
CA GLY A 516 29.11 -20.23 27.98
C GLY A 516 28.15 -19.28 27.31
N GLN A 517 27.77 -18.23 28.03
CA GLN A 517 27.10 -17.07 27.44
C GLN A 517 27.67 -15.74 27.95
N GLU A 518 28.86 -15.75 28.55
CA GLU A 518 29.53 -14.55 29.11
C GLU A 518 30.88 -14.30 28.45
N CYS A 519 31.13 -13.05 28.08
CA CYS A 519 32.45 -12.63 27.60
C CYS A 519 33.48 -12.53 28.72
N VAL A 520 34.69 -12.98 28.39
CA VAL A 520 35.77 -13.09 29.35
C VAL A 520 37.03 -12.62 28.65
N GLU A 521 38.02 -12.18 29.42
CA GLU A 521 39.32 -11.76 28.84
C GLU A 521 40.13 -12.96 28.37
N GLU A 522 40.34 -13.94 29.25
CA GLU A 522 41.17 -15.14 28.94
C GLU A 522 40.39 -16.44 29.15
N CYS A 523 40.56 -17.37 28.20
CA CYS A 523 40.22 -18.76 28.47
C CYS A 523 41.29 -19.30 29.41
N ARG A 524 41.00 -20.42 30.05
CA ARG A 524 41.90 -21.07 31.01
C ARG A 524 42.79 -22.11 30.31
N VAL A 525 43.47 -21.66 29.27
CA VAL A 525 44.31 -22.54 28.46
C VAL A 525 45.56 -22.93 29.23
N LEU A 526 46.14 -21.99 29.98
CA LEU A 526 47.27 -22.26 30.90
C LEU A 526 46.77 -22.17 32.33
N GLN A 527 47.08 -21.10 33.05
CA GLN A 527 46.52 -20.92 34.40
C GLN A 527 45.00 -21.06 34.31
N GLY A 528 44.47 -22.10 34.92
CA GLY A 528 43.08 -22.30 34.86
C GLY A 528 42.57 -23.19 35.99
N LEU A 529 41.38 -22.87 36.50
CA LEU A 529 40.80 -23.63 37.56
C LEU A 529 40.53 -25.01 36.93
N PRO A 530 39.67 -25.01 35.93
CA PRO A 530 39.39 -26.18 35.08
C PRO A 530 40.17 -25.82 33.82
N ARG A 531 40.83 -26.79 33.20
CA ARG A 531 41.63 -26.51 31.99
C ARG A 531 40.69 -26.52 30.80
N GLU A 532 40.93 -25.63 29.83
CA GLU A 532 40.05 -25.61 28.65
C GLU A 532 40.84 -25.27 27.42
N TYR A 533 40.24 -25.50 26.27
CA TYR A 533 40.83 -25.16 24.97
C TYR A 533 39.99 -24.06 24.31
N VAL A 534 40.49 -23.57 23.18
CA VAL A 534 39.79 -22.58 22.38
C VAL A 534 39.30 -23.24 21.11
N ASN A 535 38.17 -22.79 20.60
CA ASN A 535 37.60 -23.35 19.37
C ASN A 535 36.60 -22.37 18.80
N ALA A 536 36.98 -21.71 17.69
CA ALA A 536 36.17 -20.67 17.08
C ALA A 536 35.78 -19.64 18.15
N ARG A 537 36.78 -19.14 18.87
CA ARG A 537 36.59 -18.11 19.90
C ARG A 537 35.90 -18.51 21.21
N HIS A 538 35.55 -19.78 21.36
CA HIS A 538 34.88 -20.25 22.59
C HIS A 538 35.88 -20.86 23.57
N CYS A 539 35.55 -20.80 24.86
CA CYS A 539 36.21 -21.61 25.88
C CYS A 539 35.34 -22.86 26.13
N LEU A 540 35.86 -24.03 25.74
CA LEU A 540 35.18 -25.31 26.01
C LEU A 540 36.06 -26.17 26.91
N PRO A 541 35.45 -26.88 27.86
CA PRO A 541 36.24 -27.61 28.86
C PRO A 541 37.08 -28.77 28.31
N CYS A 542 38.23 -29.01 28.91
CA CYS A 542 39.00 -30.24 28.66
C CYS A 542 38.34 -31.41 29.30
N HIS A 543 38.78 -32.59 28.88
CA HIS A 543 38.22 -33.80 29.45
C HIS A 543 38.67 -33.95 30.92
N PRO A 544 37.79 -34.48 31.80
CA PRO A 544 38.18 -34.66 33.21
C PRO A 544 39.36 -35.60 33.45
N GLU A 545 39.83 -36.26 32.41
CA GLU A 545 40.96 -37.15 32.51
C GLU A 545 42.26 -36.60 31.95
N CYS A 546 42.23 -35.44 31.28
CA CYS A 546 43.47 -34.68 31.02
C CYS A 546 44.01 -34.19 32.36
N GLN A 547 45.33 -34.16 32.51
CA GLN A 547 45.89 -33.70 33.78
C GLN A 547 46.28 -32.25 33.65
N PRO A 548 45.99 -31.43 34.68
CA PRO A 548 46.48 -30.06 34.67
C PRO A 548 47.99 -29.98 34.43
N GLN A 549 48.37 -29.10 33.50
CA GLN A 549 49.78 -28.84 33.17
C GLN A 549 50.14 -27.46 33.66
N ASN A 550 50.83 -27.39 34.80
CA ASN A 550 51.19 -26.12 35.43
C ASN A 550 52.24 -25.41 34.53
N GLY A 551 51.86 -24.25 33.98
CA GLY A 551 52.75 -23.49 33.07
C GLY A 551 52.46 -23.66 31.58
N SER A 552 52.28 -24.90 31.13
CA SER A 552 52.08 -25.22 29.72
C SER A 552 50.63 -25.65 29.38
N VAL A 553 50.37 -25.76 28.08
CA VAL A 553 49.03 -26.05 27.58
C VAL A 553 48.65 -27.49 27.91
N THR A 554 47.36 -27.71 28.12
CA THR A 554 46.85 -28.91 28.77
C THR A 554 46.03 -29.83 27.88
N CYS A 555 45.71 -29.39 26.69
CA CYS A 555 44.92 -30.22 25.83
C CYS A 555 44.83 -29.54 24.49
N PHE A 556 44.22 -30.25 23.57
CA PHE A 556 44.05 -29.76 22.21
C PHE A 556 42.66 -30.04 21.66
N GLY A 557 41.85 -30.77 22.44
CA GLY A 557 40.44 -31.00 22.11
C GLY A 557 39.65 -31.45 23.33
N PRO A 558 38.32 -31.55 23.17
CA PRO A 558 37.44 -31.91 24.27
C PRO A 558 37.49 -33.39 24.68
N GLU A 559 37.86 -34.24 23.72
CA GLU A 559 37.92 -35.69 23.96
C GLU A 559 39.08 -36.07 24.86
N ALA A 560 39.06 -37.32 25.32
CA ALA A 560 40.11 -37.83 26.20
C ALA A 560 41.40 -38.21 25.44
N ASP A 561 41.25 -38.67 24.20
CA ASP A 561 42.40 -38.95 23.34
C ASP A 561 43.17 -37.67 23.06
N GLN A 562 42.42 -36.58 22.88
CA GLN A 562 42.97 -35.25 22.62
C GLN A 562 43.87 -34.74 23.76
N CYS A 563 43.85 -35.41 24.91
CA CYS A 563 44.50 -34.88 26.10
C CYS A 563 45.99 -34.93 25.92
N VAL A 564 46.63 -34.02 26.64
CA VAL A 564 48.08 -33.96 26.70
C VAL A 564 48.71 -35.15 27.44
N ALA A 565 48.09 -35.52 28.56
CA ALA A 565 48.76 -36.30 29.59
C ALA A 565 47.71 -36.60 30.63
N CYS A 566 47.44 -37.89 30.77
CA CYS A 566 46.27 -38.31 31.49
C CYS A 566 46.58 -38.34 32.98
N ALA A 567 45.54 -38.24 33.79
CA ALA A 567 45.69 -38.11 35.24
C ALA A 567 45.67 -39.43 35.98
N HIS A 568 45.26 -40.49 35.29
CA HIS A 568 45.19 -41.83 35.90
C HIS A 568 45.76 -42.92 34.96
N TYR A 569 44.88 -43.76 34.40
CA TYR A 569 45.27 -44.89 33.55
C TYR A 569 44.76 -44.73 32.13
N LYS A 570 45.66 -45.08 31.20
CA LYS A 570 45.42 -44.98 29.75
C LYS A 570 45.05 -46.26 29.05
N ASP A 571 44.08 -46.11 28.15
CA ASP A 571 43.58 -47.11 27.24
C ASP A 571 43.74 -46.32 25.94
N PRO A 572 44.35 -46.90 24.92
CA PRO A 572 44.60 -46.13 23.68
C PRO A 572 43.44 -45.30 23.06
N PRO A 573 42.16 -45.75 23.17
CA PRO A 573 41.10 -44.92 22.59
C PRO A 573 41.17 -43.54 23.20
N PHE A 574 41.24 -43.47 24.54
CA PHE A 574 41.41 -42.22 25.23
C PHE A 574 41.76 -42.31 26.74
N CYS A 575 42.05 -41.16 27.36
CA CYS A 575 42.24 -41.00 28.82
C CYS A 575 41.04 -41.52 29.64
N VAL A 576 41.35 -42.37 30.62
CA VAL A 576 40.34 -43.12 31.40
C VAL A 576 40.68 -43.08 32.88
N ALA A 577 39.65 -43.15 33.73
CA ALA A 577 39.80 -43.18 35.19
C ALA A 577 40.03 -44.59 35.73
N ARG A 578 39.38 -45.58 35.12
CA ARG A 578 39.41 -46.96 35.57
C ARG A 578 39.58 -47.87 34.35
N CYS A 579 40.60 -48.74 34.38
CA CYS A 579 40.83 -49.74 33.33
C CYS A 579 39.64 -50.68 33.20
N PRO A 580 39.18 -50.98 31.98
CA PRO A 580 37.89 -51.66 31.86
C PRO A 580 37.92 -53.13 32.31
N SER A 581 36.91 -53.54 33.07
CA SER A 581 36.75 -54.95 33.46
C SER A 581 35.40 -55.49 33.09
N GLY A 582 35.33 -56.02 31.88
CA GLY A 582 34.22 -56.89 31.48
C GLY A 582 32.93 -56.15 31.22
N VAL A 583 33.06 -55.00 30.58
CA VAL A 583 31.91 -54.19 30.19
C VAL A 583 31.34 -54.82 28.95
N LYS A 584 30.09 -54.51 28.65
CA LYS A 584 29.47 -54.97 27.40
C LYS A 584 29.92 -54.05 26.26
N PRO A 585 30.84 -54.52 25.40
CA PRO A 585 31.28 -53.76 24.21
C PRO A 585 30.18 -53.64 23.15
N ASP A 586 29.36 -54.69 23.09
CA ASP A 586 28.26 -54.79 22.13
C ASP A 586 27.23 -55.74 22.72
N LEU A 587 26.06 -55.82 22.08
CA LEU A 587 25.00 -56.69 22.56
C LEU A 587 25.48 -58.15 22.59
N SER A 588 26.22 -58.56 21.57
CA SER A 588 26.74 -59.92 21.52
C SER A 588 28.23 -59.95 21.22
N TYR A 589 29.04 -59.54 22.20
CA TYR A 589 30.49 -59.51 22.06
C TYR A 589 31.22 -59.88 23.35
N MET A 590 32.45 -60.37 23.21
CA MET A 590 33.27 -60.74 24.36
C MET A 590 33.56 -59.54 25.25
N PRO A 591 33.75 -59.79 26.54
CA PRO A 591 34.04 -58.73 27.50
C PRO A 591 35.52 -58.42 27.59
N ILE A 592 35.87 -57.14 27.67
CA ILE A 592 37.26 -56.76 27.76
C ILE A 592 37.72 -56.64 29.23
N TRP A 593 38.69 -57.48 29.60
CA TRP A 593 39.19 -57.55 30.97
C TRP A 593 40.66 -57.11 31.02
N LYS A 594 40.91 -55.98 31.66
CA LYS A 594 42.24 -55.37 31.67
C LYS A 594 42.62 -54.95 33.06
N PHE A 595 43.89 -54.56 33.21
CA PHE A 595 44.41 -54.24 34.52
C PHE A 595 45.46 -53.14 34.39
N PRO A 596 45.72 -52.39 35.47
CA PRO A 596 46.74 -51.36 35.45
C PRO A 596 48.15 -51.90 35.28
N ASP A 597 49.02 -51.02 34.84
CA ASP A 597 50.44 -51.18 35.06
C ASP A 597 50.86 -50.11 36.05
N GLU A 598 52.08 -50.25 36.55
CA GLU A 598 52.85 -49.16 37.16
C GLU A 598 53.11 -48.01 36.19
N GLU A 599 53.11 -48.32 34.89
CA GLU A 599 53.20 -47.34 33.82
C GLU A 599 51.88 -46.60 33.49
N GLY A 600 50.81 -46.94 34.20
CA GLY A 600 49.49 -46.38 33.94
C GLY A 600 48.74 -47.02 32.78
N ALA A 601 49.40 -47.91 32.04
CA ALA A 601 48.76 -48.51 30.86
C ALA A 601 47.82 -49.63 31.29
N CYS A 602 46.64 -49.68 30.68
CA CYS A 602 45.77 -50.83 30.82
C CYS A 602 46.22 -51.88 29.83
N GLN A 603 46.72 -52.98 30.35
CA GLN A 603 47.15 -54.10 29.52
C GLN A 603 46.13 -55.23 29.71
N PRO A 604 45.85 -55.99 28.63
CA PRO A 604 45.01 -57.21 28.78
C PRO A 604 45.74 -58.31 29.52
N CYS A 605 45.00 -59.22 30.14
CA CYS A 605 45.62 -60.28 30.95
C CYS A 605 45.19 -61.68 30.49
N PRO A 606 46.02 -62.71 30.78
CA PRO A 606 45.77 -64.06 30.23
C PRO A 606 44.65 -64.82 30.94
N ILE A 607 43.76 -65.43 30.17
CA ILE A 607 42.57 -66.12 30.71
C ILE A 607 42.29 -67.39 29.95
N ASN A 608 41.33 -68.16 30.45
CA ASN A 608 40.75 -69.30 29.73
C ASN A 608 39.30 -68.96 29.33
N CYS A 609 38.33 -69.16 30.23
CA CYS A 609 36.90 -68.98 29.91
C CYS A 609 36.05 -68.53 31.10
N THR A 610 36.12 -69.26 32.22
CA THR A 610 35.16 -69.11 33.33
C THR A 610 35.62 -68.17 34.46
N HIS A 611 36.88 -68.34 34.92
CA HIS A 611 37.53 -67.39 35.87
C HIS A 611 38.55 -66.49 35.15
N SER A 612 38.52 -65.19 35.47
CA SER A 612 39.37 -64.16 34.84
C SER A 612 40.23 -63.42 35.87
N CYS A 613 41.01 -62.45 35.38
CA CYS A 613 41.85 -61.59 36.22
C CYS A 613 41.36 -60.14 36.17
N VAL A 614 41.08 -59.61 37.35
CA VAL A 614 40.81 -58.19 37.57
C VAL A 614 41.70 -57.68 38.68
N ASP A 615 42.98 -57.45 38.37
CA ASP A 615 43.94 -57.07 39.41
C ASP A 615 43.91 -58.11 40.54
N LEU A 616 44.18 -59.37 40.21
CA LEU A 616 44.16 -60.46 41.20
C LEU A 616 42.74 -60.98 41.53
N ASP A 617 41.75 -60.56 40.76
CA ASP A 617 40.34 -60.86 41.09
C ASP A 617 39.73 -61.71 39.99
N ASP A 618 38.98 -62.73 40.42
CA ASP A 618 38.24 -63.61 39.53
C ASP A 618 37.37 -62.80 38.56
N ALA B 1 -6.57 39.99 -13.20
CA ALA B 1 -7.50 40.88 -13.98
C ALA B 1 -8.67 40.08 -14.57
N ASP B 2 -9.86 40.67 -14.55
CA ASP B 2 -11.04 39.97 -15.03
C ASP B 2 -11.16 40.01 -16.54
N ILE B 3 -11.71 38.92 -17.10
CA ILE B 3 -11.78 38.74 -18.54
C ILE B 3 -12.94 39.54 -19.10
N VAL B 4 -12.63 40.48 -20.00
CA VAL B 4 -13.59 41.37 -20.62
C VAL B 4 -13.94 40.83 -22.02
N LEU B 5 -15.23 40.60 -22.27
CA LEU B 5 -15.68 40.19 -23.58
C LEU B 5 -16.46 41.29 -24.26
N THR B 6 -15.90 41.80 -25.36
CA THR B 6 -16.48 42.93 -26.08
C THR B 6 -17.04 42.46 -27.45
N GLN B 7 -18.35 42.54 -27.61
CA GLN B 7 -19.04 42.19 -28.88
C GLN B 7 -19.09 43.35 -29.88
N SER B 8 -19.03 43.01 -31.17
CA SER B 8 -18.76 44.01 -32.20
C SER B 8 -20.00 44.74 -32.69
N PRO B 9 -21.04 44.00 -33.14
CA PRO B 9 -22.25 44.75 -33.54
C PRO B 9 -23.21 44.91 -32.36
N ASP B 10 -23.40 46.14 -31.90
CA ASP B 10 -24.35 46.42 -30.84
C ASP B 10 -25.75 45.90 -31.23
N SER B 11 -26.13 46.12 -32.48
CA SER B 11 -27.44 45.69 -32.96
C SER B 11 -27.42 45.66 -34.47
N LEU B 12 -28.06 44.66 -35.04
CA LEU B 12 -28.16 44.52 -36.51
C LEU B 12 -29.63 44.39 -36.92
N ALA B 13 -30.08 45.29 -37.79
CA ALA B 13 -31.38 45.19 -38.48
C ALA B 13 -31.05 44.61 -39.85
N VAL B 14 -31.86 43.66 -40.30
CA VAL B 14 -31.50 42.88 -41.48
C VAL B 14 -32.70 42.14 -42.10
N SER B 15 -32.58 41.85 -43.40
CA SER B 15 -33.63 41.16 -44.17
C SER B 15 -33.63 39.65 -43.92
N LEU B 16 -34.83 39.05 -43.90
CA LEU B 16 -34.98 37.59 -43.90
C LEU B 16 -34.09 36.89 -44.94
N GLY B 17 -33.64 35.68 -44.62
CA GLY B 17 -32.70 34.97 -45.47
C GLY B 17 -31.27 35.52 -45.56
N GLU B 18 -31.03 36.74 -45.08
CA GLU B 18 -29.68 37.30 -45.15
C GLU B 18 -28.73 36.63 -44.12
N ARG B 19 -27.43 36.76 -44.40
CA ARG B 19 -26.37 36.18 -43.59
C ARG B 19 -25.74 37.23 -42.67
N VAL B 20 -25.56 36.86 -41.41
CA VAL B 20 -25.02 37.75 -40.38
C VAL B 20 -23.82 37.10 -39.71
N THR B 21 -22.94 37.94 -39.18
CA THR B 21 -21.94 37.49 -38.24
C THR B 21 -22.07 38.35 -37.00
N ILE B 22 -21.71 37.79 -35.87
CA ILE B 22 -21.65 38.51 -34.61
C ILE B 22 -20.31 38.16 -34.06
N ASN B 23 -19.59 39.17 -33.62
CA ASN B 23 -18.22 38.94 -33.25
C ASN B 23 -17.99 39.16 -31.74
N CYS B 24 -17.02 38.44 -31.20
CA CYS B 24 -16.63 38.55 -29.78
C CYS B 24 -15.13 38.48 -29.55
N LYS B 25 -14.56 39.54 -28.98
CA LYS B 25 -13.16 39.55 -28.58
C LYS B 25 -13.02 39.60 -27.07
N SER B 26 -12.09 38.78 -26.57
CA SER B 26 -11.74 38.74 -25.17
C SER B 26 -10.33 39.28 -24.93
N SER B 27 -10.11 39.72 -23.68
CA SER B 27 -8.89 40.41 -23.26
C SER B 27 -7.70 39.46 -22.99
N GLN B 28 -8.03 38.18 -22.72
CA GLN B 28 -7.06 37.09 -22.62
C GLN B 28 -7.64 35.92 -23.42
N PRO B 29 -6.81 34.93 -23.77
CA PRO B 29 -7.31 33.80 -24.57
C PRO B 29 -8.15 32.81 -23.78
N LEU B 30 -9.26 32.37 -24.35
CA LEU B 30 -10.25 31.56 -23.60
C LEU B 30 -10.00 30.08 -23.70
N GLU B 31 -8.76 29.70 -23.44
CA GLU B 31 -8.30 28.32 -23.49
C GLU B 31 -7.64 27.99 -22.16
N TYR B 32 -7.45 26.68 -21.98
CA TYR B 32 -6.79 26.15 -20.80
C TYR B 32 -5.50 25.47 -21.28
N SER B 33 -4.51 25.41 -20.40
CA SER B 33 -3.19 24.92 -20.77
C SER B 33 -3.22 23.52 -21.37
N ASN B 34 -3.81 22.58 -20.60
CA ASN B 34 -3.85 21.12 -20.93
C ASN B 34 -4.62 20.73 -22.20
N ASN B 35 -5.47 21.61 -22.68
CA ASN B 35 -6.38 21.26 -23.75
C ASN B 35 -6.37 22.34 -24.81
N GLN B 36 -6.78 21.96 -26.01
CA GLN B 36 -7.04 22.89 -27.09
C GLN B 36 -8.46 23.42 -27.08
N TRP B 37 -9.27 22.99 -26.13
CA TRP B 37 -10.63 23.48 -25.99
C TRP B 37 -10.63 24.97 -25.76
N ASN B 38 -11.64 25.63 -26.35
CA ASN B 38 -11.86 27.06 -26.19
C ASN B 38 -13.14 27.25 -25.38
N TYR B 39 -13.02 27.95 -24.26
CA TYR B 39 -14.03 27.96 -23.20
C TYR B 39 -14.99 29.11 -23.43
N LEU B 40 -15.70 29.03 -24.55
CA LEU B 40 -16.67 30.05 -24.98
C LEU B 40 -18.01 29.45 -25.43
N ALA B 41 -19.11 30.00 -24.93
CA ALA B 41 -20.45 29.61 -25.34
C ALA B 41 -21.20 30.79 -25.93
N TRP B 42 -22.15 30.49 -26.82
CA TRP B 42 -23.08 31.48 -27.37
C TRP B 42 -24.49 31.15 -26.86
N TYR B 43 -25.21 32.17 -26.39
CA TYR B 43 -26.56 32.02 -25.86
C TYR B 43 -27.55 32.93 -26.59
N GLN B 44 -28.79 32.49 -26.67
CA GLN B 44 -29.85 33.16 -27.39
C GLN B 44 -30.92 33.54 -26.40
N GLN B 45 -31.19 34.84 -26.26
CA GLN B 45 -32.33 35.34 -25.50
C GLN B 45 -33.32 36.08 -26.41
N LYS B 46 -34.39 35.37 -26.78
CA LYS B 46 -35.47 35.98 -27.56
C LYS B 46 -36.37 36.60 -26.53
N PRO B 47 -36.84 37.83 -26.77
CA PRO B 47 -37.51 38.56 -25.69
C PRO B 47 -38.70 37.81 -25.08
N GLY B 48 -38.90 38.06 -23.78
CA GLY B 48 -39.93 37.41 -23.00
C GLY B 48 -39.43 36.27 -22.11
N GLN B 49 -38.21 35.81 -22.35
CA GLN B 49 -37.81 34.50 -21.84
C GLN B 49 -36.29 34.37 -21.57
N SER B 50 -35.97 33.23 -20.95
CA SER B 50 -34.65 32.95 -20.42
C SER B 50 -33.65 32.67 -21.53
N PRO B 51 -32.35 32.93 -21.29
CA PRO B 51 -31.37 32.62 -22.32
C PRO B 51 -31.24 31.12 -22.49
N LYS B 52 -30.81 30.73 -23.68
CA LYS B 52 -30.64 29.32 -24.03
C LYS B 52 -29.32 29.20 -24.73
N LEU B 53 -28.67 28.07 -24.57
CA LEU B 53 -27.35 27.84 -25.14
C LEU B 53 -27.49 27.27 -26.54
N LEU B 54 -26.68 27.78 -27.45
CA LEU B 54 -26.64 27.24 -28.80
C LEU B 54 -25.32 26.54 -29.09
N ILE B 55 -24.22 27.15 -28.68
CA ILE B 55 -22.88 26.72 -29.09
C ILE B 55 -21.91 26.89 -27.91
N SER B 56 -21.34 25.77 -27.44
CA SER B 56 -20.23 25.74 -26.45
C SER B 56 -18.95 25.30 -27.12
N TRP B 57 -17.84 25.53 -26.44
CA TRP B 57 -16.51 25.18 -26.96
C TRP B 57 -16.12 25.92 -28.23
N ALA B 58 -16.78 27.03 -28.47
CA ALA B 58 -16.71 27.80 -29.71
C ALA B 58 -17.22 27.00 -30.89
N SER B 59 -16.49 25.95 -31.25
CA SER B 59 -16.76 25.13 -32.45
C SER B 59 -18.07 24.38 -32.31
N THR B 60 -18.29 23.80 -31.13
CA THR B 60 -19.32 22.78 -30.93
C THR B 60 -20.74 23.28 -30.72
N ARG B 61 -21.67 22.71 -31.47
CA ARG B 61 -23.05 23.15 -31.44
C ARG B 61 -23.91 22.24 -30.61
N LYS B 62 -24.67 22.83 -29.68
CA LYS B 62 -25.60 22.08 -28.82
C LYS B 62 -26.63 21.33 -29.64
N SER B 63 -27.03 20.16 -29.17
CA SER B 63 -27.92 19.30 -29.96
C SER B 63 -29.34 19.86 -29.87
N GLY B 64 -30.01 19.92 -31.04
CA GLY B 64 -31.33 20.56 -31.18
C GLY B 64 -31.35 21.91 -31.89
N VAL B 65 -30.23 22.64 -31.89
CA VAL B 65 -30.23 23.97 -32.47
C VAL B 65 -29.87 23.84 -33.95
N PRO B 66 -30.65 24.51 -34.84
CA PRO B 66 -30.54 24.30 -36.29
C PRO B 66 -29.20 24.66 -36.92
N ASP B 67 -28.97 24.10 -38.11
CA ASP B 67 -27.65 24.08 -38.74
C ASP B 67 -27.15 25.44 -39.20
N ARG B 68 -28.04 26.42 -39.30
CA ARG B 68 -27.65 27.76 -39.74
C ARG B 68 -26.66 28.35 -38.74
N PHE B 69 -26.94 28.12 -37.46
CA PHE B 69 -26.08 28.59 -36.37
C PHE B 69 -24.78 27.79 -36.31
N SER B 70 -23.65 28.49 -36.39
CA SER B 70 -22.32 27.88 -36.44
C SER B 70 -21.28 28.68 -35.64
N GLY B 71 -20.42 27.97 -34.93
CA GLY B 71 -19.41 28.58 -34.11
C GLY B 71 -18.06 28.51 -34.78
N SER B 72 -17.34 29.63 -34.68
CA SER B 72 -16.07 29.83 -35.35
C SER B 72 -15.16 30.59 -34.39
N GLY B 73 -13.86 30.37 -34.56
CA GLY B 73 -12.86 31.10 -33.82
C GLY B 73 -12.13 30.24 -32.81
N SER B 74 -10.98 30.73 -32.41
CA SER B 74 -10.16 30.14 -31.36
C SER B 74 -9.18 31.21 -30.87
N GLY B 75 -8.52 30.94 -29.77
CA GLY B 75 -7.61 31.90 -29.17
C GLY B 75 -8.36 33.06 -28.53
N THR B 76 -8.40 34.19 -29.23
CA THR B 76 -8.91 35.44 -28.64
C THR B 76 -10.10 36.11 -29.36
N ASP B 77 -10.36 35.75 -30.62
CA ASP B 77 -11.52 36.24 -31.36
C ASP B 77 -12.34 35.04 -31.77
N PHE B 78 -13.65 35.12 -31.48
CA PHE B 78 -14.64 34.11 -31.89
C PHE B 78 -15.78 34.84 -32.56
N THR B 79 -16.41 34.18 -33.52
CA THR B 79 -17.53 34.75 -34.25
C THR B 79 -18.66 33.72 -34.35
N LEU B 80 -19.89 34.15 -34.11
CA LEU B 80 -21.08 33.37 -34.44
C LEU B 80 -21.56 33.83 -35.82
N THR B 81 -22.06 32.89 -36.63
CA THR B 81 -22.62 33.20 -37.97
C THR B 81 -23.94 32.47 -38.19
N ILE B 82 -24.94 33.19 -38.69
CA ILE B 82 -26.22 32.62 -39.06
C ILE B 82 -26.32 32.69 -40.58
N SER B 83 -26.34 31.53 -41.23
CA SER B 83 -26.35 31.43 -42.71
C SER B 83 -27.46 32.24 -43.39
N SER B 84 -28.65 32.15 -42.82
CA SER B 84 -29.78 32.90 -43.31
C SER B 84 -30.72 33.12 -42.14
N VAL B 85 -30.85 34.36 -41.71
CA VAL B 85 -31.61 34.62 -40.47
C VAL B 85 -33.09 34.40 -40.79
N GLN B 86 -33.79 33.71 -39.91
CA GLN B 86 -35.21 33.43 -40.08
C GLN B 86 -36.00 34.32 -39.13
N ALA B 87 -37.32 34.11 -39.06
CA ALA B 87 -38.20 34.91 -38.23
C ALA B 87 -38.18 34.45 -36.77
N GLU B 88 -37.83 33.18 -36.58
CA GLU B 88 -37.64 32.57 -35.27
C GLU B 88 -36.36 33.16 -34.62
N ASP B 89 -35.43 33.67 -35.43
CA ASP B 89 -34.09 34.04 -35.00
C ASP B 89 -33.89 35.48 -34.58
N VAL B 90 -34.98 36.18 -34.30
CA VAL B 90 -34.82 37.54 -33.81
C VAL B 90 -34.73 37.40 -32.28
N ALA B 91 -33.58 37.80 -31.77
CA ALA B 91 -33.23 37.62 -30.36
C ALA B 91 -32.05 38.54 -30.05
N VAL B 92 -31.68 38.54 -28.77
CA VAL B 92 -30.40 39.07 -28.33
C VAL B 92 -29.50 37.86 -28.15
N TYR B 93 -28.28 37.95 -28.69
CA TYR B 93 -27.27 36.88 -28.60
C TYR B 93 -26.09 37.36 -27.75
N TYR B 94 -25.79 36.55 -26.72
CA TYR B 94 -24.79 36.87 -25.69
C TYR B 94 -23.57 35.95 -25.83
N CYS B 95 -22.42 36.62 -25.95
CA CYS B 95 -21.11 35.99 -25.84
C CYS B 95 -20.93 35.56 -24.38
N GLY B 96 -20.26 34.44 -24.14
CA GLY B 96 -20.02 33.99 -22.76
C GLY B 96 -18.85 33.06 -22.53
N GLN B 97 -17.86 33.51 -21.75
CA GLN B 97 -16.65 32.74 -21.46
C GLN B 97 -16.72 32.06 -20.08
N TYR B 98 -16.06 30.90 -20.01
CA TYR B 98 -16.01 30.10 -18.79
C TYR B 98 -14.63 29.48 -18.57
N SER B 99 -13.60 30.17 -19.04
CA SER B 99 -12.21 29.71 -18.90
C SER B 99 -11.67 30.07 -17.53
N ASP B 100 -11.84 31.32 -17.12
CA ASP B 100 -11.36 31.81 -15.83
C ASP B 100 -12.49 32.44 -15.01
N TYR B 101 -12.48 32.17 -13.72
CA TYR B 101 -13.31 32.87 -12.79
C TYR B 101 -12.84 34.30 -12.67
N PRO B 102 -13.78 35.25 -12.53
CA PRO B 102 -15.20 34.98 -12.59
C PRO B 102 -15.64 34.83 -14.03
N ASN B 103 -16.66 34.01 -14.24
CA ASN B 103 -17.33 33.94 -15.51
C ASN B 103 -17.86 35.33 -15.91
N THR B 104 -17.62 35.70 -17.15
CA THR B 104 -18.02 36.97 -17.67
C THR B 104 -18.85 36.74 -18.93
N PHE B 105 -19.66 37.72 -19.27
CA PHE B 105 -20.46 37.70 -20.47
C PHE B 105 -20.13 38.94 -21.28
N GLY B 106 -20.62 38.96 -22.51
CA GLY B 106 -20.48 40.10 -23.39
C GLY B 106 -21.71 40.96 -23.32
N ALA B 107 -21.59 42.13 -23.94
CA ALA B 107 -22.60 43.20 -23.83
C ALA B 107 -23.96 42.83 -24.41
N GLY B 108 -23.94 41.96 -25.41
CA GLY B 108 -25.14 41.56 -26.13
C GLY B 108 -25.12 42.09 -27.56
N THR B 109 -25.93 41.47 -28.41
CA THR B 109 -26.19 41.93 -29.78
C THR B 109 -27.64 41.58 -30.15
N LYS B 110 -28.52 42.60 -30.29
CA LYS B 110 -29.90 42.36 -30.72
C LYS B 110 -29.97 42.44 -32.25
N LEU B 111 -30.45 41.36 -32.84
CA LEU B 111 -30.73 41.26 -34.26
C LEU B 111 -32.18 41.57 -34.47
N GLU B 112 -32.49 42.32 -35.54
CA GLU B 112 -33.88 42.68 -35.90
C GLU B 112 -34.10 42.47 -37.41
N ILE B 113 -35.35 42.24 -37.77
CA ILE B 113 -35.74 42.12 -39.19
C ILE B 113 -36.12 43.49 -39.78
N LYS B 114 -35.71 43.70 -41.04
CA LYS B 114 -36.02 44.87 -41.90
C LYS B 114 -34.87 45.89 -41.87
N GLN B 136 -36.22 15.42 -19.22
CA GLN B 136 -35.99 16.79 -19.67
C GLN B 136 -35.75 17.81 -18.52
N VAL B 137 -34.70 18.61 -18.67
CA VAL B 137 -34.23 19.54 -17.66
C VAL B 137 -35.21 20.70 -17.44
N GLN B 138 -35.46 21.02 -16.18
CA GLN B 138 -36.33 22.13 -15.81
C GLN B 138 -35.92 22.72 -14.47
N LEU B 139 -35.56 24.02 -14.49
CA LEU B 139 -35.22 24.76 -13.28
C LEU B 139 -36.28 25.82 -13.07
N VAL B 140 -37.11 25.63 -12.04
CA VAL B 140 -38.32 26.44 -11.80
C VAL B 140 -38.08 27.42 -10.66
N GLN B 141 -37.78 28.67 -10.98
CA GLN B 141 -37.43 29.66 -9.96
C GLN B 141 -38.66 30.14 -9.20
N SER B 142 -38.43 30.69 -8.03
CA SER B 142 -39.50 31.16 -7.20
C SER B 142 -40.08 32.44 -7.79
N GLY B 143 -41.18 32.90 -7.21
CA GLY B 143 -41.92 34.06 -7.68
C GLY B 143 -41.18 35.38 -7.56
N ALA B 144 -41.83 36.44 -8.02
CA ALA B 144 -41.22 37.77 -8.09
C ALA B 144 -41.28 38.43 -6.73
N GLU B 145 -40.48 39.47 -6.56
CA GLU B 145 -40.19 40.01 -5.24
C GLU B 145 -40.02 41.52 -5.27
N VAL B 146 -40.62 42.16 -4.28
CA VAL B 146 -40.49 43.59 -4.06
C VAL B 146 -39.90 43.75 -2.68
N VAL B 147 -38.80 44.49 -2.59
CA VAL B 147 -37.98 44.48 -1.41
C VAL B 147 -37.56 45.87 -0.98
N LYS B 148 -37.78 46.18 0.30
CA LYS B 148 -37.41 47.49 0.83
C LYS B 148 -35.89 47.56 0.83
N PRO B 149 -35.31 48.63 0.27
CA PRO B 149 -33.86 48.81 0.32
C PRO B 149 -33.31 48.70 1.75
N GLY B 150 -32.19 48.02 1.90
CA GLY B 150 -31.65 47.74 3.20
C GLY B 150 -32.11 46.45 3.87
N ALA B 151 -33.11 45.77 3.31
CA ALA B 151 -33.52 44.47 3.82
C ALA B 151 -32.88 43.33 2.99
N SER B 152 -33.40 42.10 3.12
CA SER B 152 -32.86 40.94 2.43
C SER B 152 -33.96 40.04 1.93
N VAL B 153 -33.61 39.25 0.93
CA VAL B 153 -34.54 38.32 0.31
C VAL B 153 -33.79 37.06 -0.08
N LYS B 154 -34.50 35.92 -0.07
CA LYS B 154 -33.95 34.61 -0.37
C LYS B 154 -34.74 33.95 -1.50
N ILE B 155 -34.20 34.03 -2.71
CA ILE B 155 -34.81 33.46 -3.91
C ILE B 155 -34.46 32.00 -3.97
N SER B 156 -35.38 31.19 -4.46
CA SER B 156 -35.18 29.75 -4.58
C SER B 156 -35.14 29.32 -6.05
N CYS B 157 -34.84 28.04 -6.26
CA CYS B 157 -34.72 27.43 -7.60
C CYS B 157 -34.85 25.93 -7.45
N LYS B 158 -35.82 25.32 -8.10
CA LYS B 158 -36.11 23.91 -7.93
C LYS B 158 -35.78 23.19 -9.22
N ALA B 159 -34.89 22.19 -9.12
CA ALA B 159 -34.43 21.43 -10.28
C ALA B 159 -35.17 20.12 -10.44
N SER B 160 -35.31 19.71 -11.70
CA SER B 160 -36.04 18.49 -12.04
C SER B 160 -35.59 18.00 -13.41
N GLY B 161 -35.75 16.70 -13.62
CA GLY B 161 -35.46 16.08 -14.90
C GLY B 161 -34.02 15.66 -15.10
N TYR B 162 -33.24 15.68 -14.03
CA TYR B 162 -31.83 15.32 -14.12
C TYR B 162 -31.32 14.92 -12.73
N PRO B 163 -30.27 14.07 -12.67
CA PRO B 163 -29.63 13.78 -11.38
C PRO B 163 -28.99 15.01 -10.70
N PHE B 164 -29.67 15.52 -9.66
CA PHE B 164 -29.32 16.81 -9.04
C PHE B 164 -27.87 16.90 -8.63
N THR B 165 -27.43 15.89 -7.90
CA THR B 165 -26.09 15.89 -7.30
C THR B 165 -24.98 15.74 -8.31
N GLN B 166 -25.29 15.30 -9.52
CA GLN B 166 -24.28 15.23 -10.59
C GLN B 166 -24.12 16.52 -11.40
N TYR B 167 -24.62 17.65 -10.90
CA TYR B 167 -24.48 18.91 -11.60
C TYR B 167 -24.33 20.06 -10.63
N PHE B 168 -23.88 21.19 -11.16
CA PHE B 168 -23.67 22.42 -10.42
C PHE B 168 -24.82 23.39 -10.66
N ILE B 169 -24.84 24.48 -9.88
CA ILE B 169 -25.91 25.48 -9.97
C ILE B 169 -25.27 26.84 -9.84
N HIS B 170 -25.51 27.71 -10.81
CA HIS B 170 -25.01 29.07 -10.76
C HIS B 170 -26.14 30.06 -10.59
N TRP B 171 -25.73 31.30 -10.41
CA TRP B 171 -26.62 32.42 -10.31
C TRP B 171 -26.00 33.51 -11.16
N VAL B 172 -26.84 34.07 -12.02
CA VAL B 172 -26.46 35.12 -12.92
C VAL B 172 -27.51 36.20 -12.84
N LYS B 173 -27.02 37.43 -12.66
CA LYS B 173 -27.87 38.61 -12.61
C LYS B 173 -27.93 39.21 -13.99
N GLN B 174 -29.12 39.67 -14.38
CA GLN B 174 -29.30 40.49 -15.61
C GLN B 174 -30.01 41.77 -15.21
N ASN B 175 -29.35 42.89 -15.43
CA ASN B 175 -29.75 44.17 -14.83
C ASN B 175 -30.69 44.94 -15.79
N PRO B 176 -31.20 46.12 -15.38
CA PRO B 176 -32.12 46.85 -16.27
C PRO B 176 -31.60 47.03 -17.71
N GLY B 177 -30.39 47.58 -17.90
CA GLY B 177 -29.78 47.73 -19.24
C GLY B 177 -29.46 46.41 -19.93
N GLN B 178 -29.70 45.31 -19.23
CA GLN B 178 -29.73 43.93 -19.77
C GLN B 178 -28.35 43.25 -19.97
N ARG B 179 -27.30 43.73 -19.30
CA ARG B 179 -26.03 42.99 -19.31
C ARG B 179 -26.05 41.94 -18.21
N LEU B 180 -25.15 40.96 -18.33
CA LEU B 180 -25.15 39.76 -17.51
C LEU B 180 -23.91 39.72 -16.65
N GLU B 181 -24.09 39.47 -15.35
CA GLU B 181 -23.01 39.33 -14.40
C GLU B 181 -23.15 37.98 -13.68
N TRP B 182 -22.04 37.25 -13.59
CA TRP B 182 -22.03 35.97 -12.89
C TRP B 182 -21.89 36.18 -11.38
N ILE B 183 -22.77 35.57 -10.62
CA ILE B 183 -22.74 35.75 -9.15
C ILE B 183 -21.87 34.66 -8.48
N GLY B 184 -22.13 33.41 -8.83
CA GLY B 184 -21.39 32.32 -8.21
C GLY B 184 -21.90 30.94 -8.56
N GLN B 185 -21.18 29.95 -8.04
CA GLN B 185 -21.44 28.54 -8.29
C GLN B 185 -21.44 27.76 -6.97
N ILE B 186 -22.41 26.86 -6.82
CA ILE B 186 -22.46 25.97 -5.68
C ILE B 186 -22.45 24.55 -6.22
N SER B 187 -21.62 23.71 -5.63
CA SER B 187 -21.73 22.28 -5.83
C SER B 187 -23.00 21.81 -5.19
N SER B 188 -23.82 21.08 -5.92
CA SER B 188 -25.08 20.61 -5.38
C SER B 188 -24.98 19.36 -4.49
N SER B 189 -23.77 18.88 -4.22
CA SER B 189 -23.60 17.74 -3.29
C SER B 189 -22.84 18.10 -2.02
N TYR B 190 -21.70 18.76 -2.18
CA TYR B 190 -20.91 19.19 -1.03
C TYR B 190 -21.20 20.61 -0.53
N ALA B 191 -22.02 21.36 -1.25
CA ALA B 191 -22.42 22.73 -0.91
C ALA B 191 -21.30 23.77 -0.90
N THR B 192 -20.20 23.45 -1.53
CA THR B 192 -19.07 24.36 -1.60
C THR B 192 -19.42 25.45 -2.59
N VAL B 193 -18.99 26.68 -2.37
CA VAL B 193 -19.33 27.75 -3.28
C VAL B 193 -18.13 28.61 -3.68
N ASP B 194 -18.02 28.91 -4.97
CA ASP B 194 -17.11 29.95 -5.47
C ASP B 194 -17.93 31.21 -5.71
N TYR B 195 -17.43 32.36 -5.28
CA TYR B 195 -18.08 33.65 -5.52
C TYR B 195 -17.24 34.47 -6.47
N ASN B 196 -17.92 35.37 -7.16
CA ASN B 196 -17.30 36.53 -7.79
C ASN B 196 -17.04 37.49 -6.64
N GLN B 197 -15.88 38.16 -6.63
CA GLN B 197 -15.61 39.14 -5.56
C GLN B 197 -16.62 40.30 -5.56
N LYS B 198 -17.10 40.69 -6.73
CA LYS B 198 -18.08 41.75 -6.81
C LYS B 198 -19.34 41.47 -5.98
N PHE B 199 -19.62 40.22 -5.66
CA PHE B 199 -20.84 39.84 -4.93
C PHE B 199 -20.60 39.18 -3.56
N LYS B 200 -19.45 39.47 -2.95
CA LYS B 200 -19.05 38.69 -1.77
C LYS B 200 -19.93 39.04 -0.57
N GLY B 201 -20.05 40.33 -0.28
CA GLY B 201 -20.98 40.76 0.77
C GLY B 201 -22.46 40.55 0.43
N LYS B 202 -22.79 40.50 -0.86
CA LYS B 202 -24.15 40.68 -1.34
C LYS B 202 -24.93 39.41 -1.44
N ALA B 203 -24.33 38.38 -2.02
CA ALA B 203 -25.01 37.11 -2.25
C ALA B 203 -24.41 36.00 -1.41
N THR B 204 -25.26 35.05 -1.00
CA THR B 204 -24.82 33.81 -0.37
C THR B 204 -25.63 32.63 -0.92
N LEU B 205 -24.94 31.69 -1.54
CA LEU B 205 -25.57 30.50 -2.10
C LEU B 205 -25.65 29.34 -1.10
N THR B 206 -26.78 28.63 -1.16
CA THR B 206 -27.13 27.52 -0.30
C THR B 206 -27.79 26.51 -1.20
N VAL B 207 -27.89 25.28 -0.71
CA VAL B 207 -28.59 24.21 -1.42
C VAL B 207 -29.17 23.18 -0.43
N ASP B 208 -30.46 22.89 -0.57
CA ASP B 208 -31.10 21.78 0.11
C ASP B 208 -31.09 20.67 -0.88
N THR B 209 -30.03 19.87 -0.82
CA THR B 209 -29.79 18.81 -1.79
C THR B 209 -30.85 17.71 -1.71
N SER B 210 -31.40 17.50 -0.52
CA SER B 210 -32.44 16.49 -0.30
C SER B 210 -33.76 16.80 -1.05
N ALA B 211 -33.96 18.07 -1.45
CA ALA B 211 -35.17 18.52 -2.13
C ALA B 211 -34.96 18.99 -3.56
N SER B 212 -33.71 18.99 -4.04
CA SER B 212 -33.34 19.55 -5.35
C SER B 212 -33.64 21.07 -5.47
N ILE B 213 -33.40 21.81 -4.40
CA ILE B 213 -33.52 23.25 -4.44
C ILE B 213 -32.19 23.89 -4.17
N ALA B 214 -31.76 24.77 -5.08
CA ALA B 214 -30.71 25.78 -4.81
C ALA B 214 -31.35 27.06 -4.30
N TYR B 215 -30.61 27.80 -3.49
CA TYR B 215 -31.08 29.09 -2.98
C TYR B 215 -30.01 30.14 -3.15
N MET B 216 -30.44 31.39 -3.10
CA MET B 216 -29.54 32.54 -3.04
C MET B 216 -30.20 33.57 -2.14
N GLU B 217 -29.37 34.33 -1.40
CA GLU B 217 -29.86 35.29 -0.42
C GLU B 217 -29.17 36.62 -0.70
N LEU B 218 -29.95 37.58 -1.18
CA LEU B 218 -29.43 38.92 -1.40
C LEU B 218 -29.70 39.68 -0.14
N SER B 219 -28.66 40.34 0.38
CA SER B 219 -28.71 41.00 1.68
C SER B 219 -28.34 42.46 1.52
N SER B 220 -28.91 43.30 2.39
CA SER B 220 -28.63 44.73 2.42
C SER B 220 -28.85 45.31 1.04
N LEU B 221 -30.07 45.14 0.54
CA LEU B 221 -30.39 45.45 -0.83
C LEU B 221 -30.39 46.93 -1.08
N ARG B 222 -29.79 47.33 -2.18
CA ARG B 222 -29.86 48.72 -2.61
C ARG B 222 -30.47 48.78 -4.00
N SER B 223 -30.45 49.98 -4.60
CA SER B 223 -31.12 50.27 -5.86
C SER B 223 -30.52 49.49 -7.03
N GLU B 224 -29.22 49.34 -7.03
CA GLU B 224 -28.51 48.64 -8.10
C GLU B 224 -28.72 47.12 -8.06
N ASP B 225 -29.41 46.60 -7.05
CA ASP B 225 -29.76 45.19 -7.00
C ASP B 225 -31.11 44.92 -7.69
N THR B 226 -31.80 45.99 -8.11
CA THR B 226 -32.95 45.84 -9.01
C THR B 226 -32.43 45.15 -10.24
N ALA B 227 -32.94 43.96 -10.48
CA ALA B 227 -32.52 43.14 -11.61
C ALA B 227 -33.34 41.85 -11.66
N VAL B 228 -33.02 41.03 -12.66
CA VAL B 228 -33.56 39.69 -12.78
C VAL B 228 -32.43 38.72 -12.52
N TYR B 229 -32.71 37.73 -11.68
CA TYR B 229 -31.69 36.82 -11.18
C TYR B 229 -31.98 35.45 -11.73
N TYR B 230 -31.08 34.97 -12.59
CA TYR B 230 -31.26 33.69 -13.25
C TYR B 230 -30.46 32.62 -12.56
N CYS B 231 -31.05 31.44 -12.48
CA CYS B 231 -30.48 30.23 -11.94
C CYS B 231 -30.07 29.34 -13.14
N VAL B 232 -28.83 28.91 -13.18
CA VAL B 232 -28.24 28.32 -14.39
C VAL B 232 -27.50 27.02 -14.06
N ARG B 233 -27.88 25.93 -14.69
CA ARG B 233 -27.23 24.62 -14.44
C ARG B 233 -25.93 24.50 -15.21
N SER B 234 -25.08 23.59 -14.74
CA SER B 234 -23.78 23.29 -15.33
C SER B 234 -23.29 21.93 -14.85
N GLY B 235 -22.49 21.27 -15.66
CA GLY B 235 -22.07 19.91 -15.41
C GLY B 235 -20.60 19.72 -15.66
N ASN B 236 -20.22 18.53 -16.15
CA ASN B 236 -18.81 18.10 -16.19
C ASN B 236 -18.33 17.66 -17.56
N TYR B 237 -17.03 17.86 -17.78
CA TYR B 237 -16.37 17.48 -19.02
C TYR B 237 -16.90 18.32 -20.20
N GLU B 238 -17.51 17.68 -21.19
CA GLU B 238 -18.07 18.39 -22.33
C GLU B 238 -19.23 19.31 -21.93
N GLU B 239 -19.96 18.90 -20.90
CA GLU B 239 -21.01 19.72 -20.30
C GLU B 239 -20.51 20.71 -19.23
N TYR B 240 -19.26 21.17 -19.35
CA TYR B 240 -18.70 22.17 -18.43
C TYR B 240 -19.48 23.48 -18.49
N ALA B 241 -19.74 23.97 -19.69
CA ALA B 241 -20.42 25.26 -19.84
C ALA B 241 -21.86 25.22 -19.31
N MET B 242 -22.31 26.39 -18.83
CA MET B 242 -23.66 26.52 -18.26
C MET B 242 -24.68 26.39 -19.38
N ASP B 243 -25.58 25.42 -19.23
CA ASP B 243 -26.50 25.05 -20.31
C ASP B 243 -27.94 25.50 -20.09
N TYR B 244 -28.53 25.20 -18.94
CA TYR B 244 -29.98 25.41 -18.75
C TYR B 244 -30.28 26.47 -17.70
N TRP B 245 -31.08 27.46 -18.09
CA TRP B 245 -31.41 28.59 -17.24
C TRP B 245 -32.82 28.40 -16.76
N GLY B 246 -33.09 28.93 -15.58
CA GLY B 246 -34.45 29.05 -15.08
C GLY B 246 -35.17 30.24 -15.68
N GLN B 247 -36.45 30.37 -15.33
CA GLN B 247 -37.29 31.42 -15.93
C GLN B 247 -36.96 32.83 -15.44
N GLY B 248 -36.23 32.94 -14.35
CA GLY B 248 -35.85 34.22 -13.78
C GLY B 248 -36.71 34.58 -12.60
N THR B 249 -36.12 35.34 -11.68
CA THR B 249 -36.87 36.01 -10.63
C THR B 249 -36.51 37.50 -10.70
N LEU B 250 -37.52 38.35 -10.89
CA LEU B 250 -37.32 39.79 -10.81
C LEU B 250 -37.33 40.17 -9.32
N VAL B 251 -36.28 40.88 -8.91
CA VAL B 251 -36.18 41.48 -7.59
C VAL B 251 -36.02 42.96 -7.84
N THR B 252 -37.09 43.70 -7.51
CA THR B 252 -37.09 45.15 -7.58
C THR B 252 -37.12 45.69 -6.16
N VAL B 253 -36.26 46.65 -5.87
CA VAL B 253 -36.23 47.30 -4.58
C VAL B 253 -37.05 48.59 -4.65
N SER B 254 -37.95 48.76 -3.68
CA SER B 254 -38.83 49.95 -3.50
C SER B 254 -38.17 51.28 -3.92
#